data_2R6E
#
_entry.id   2R6E
#
_cell.length_a   199.797
_cell.length_b   199.797
_cell.length_c   195.036
_cell.angle_alpha   90.00
_cell.angle_beta   90.00
_cell.angle_gamma   120.00
#
_symmetry.space_group_name_H-M   'H 3 2'
#
loop_
_entity.id
_entity.type
_entity.pdbx_description
1 polymer 'Replicative helicase'
2 non-polymer 'SULFATE ION'
#
_entity_poly.entity_id   1
_entity_poly.type   'polypeptide(L)'
_entity_poly.pdbx_seq_one_letter_code
;MSELFSERIPPQSIEAEQAVLGAVFLDPAALVPASEILIPEDFYRAAHQKIFHAMLRVADRGEPVDLVTVTAELAASEQL
EEIGGVSYLSELADAVPTAANVEYYARIVEEKSVLRRLIRTATSIAQDGYTREDEIDVLLDEADRKIMEVSQRKHSGAFK
NIKDILVQTYDNIEMLHNRDGEITGIPTGFTELDRMTSGFQRSDLIIVAARPSVGKTAFALNIAQNVATKTNENVAIFSL
EMSAQQLVMRMLCAEGNINAQNLRTGKLTPEDWGKLTMAMGSLSNAGIYIDDTPSIRVSDIRAKCRRLKQESGLGMIVID
YLQLIQGSGRSKENRQQEVSEISRSLKALARELEVPVIALSQLSRSVEQRQDKRPMMSDIRESGSIEQDADIVAFLYRDD
YYNKDSENKNIIEIIIAKQRNGPVGTVQLAFIKEYNKFVNLERRFDEAQIPPGA
;
_entity_poly.pdbx_strand_id   A,B
#
loop_
_chem_comp.id
_chem_comp.type
_chem_comp.name
_chem_comp.formula
SO4 non-polymer 'SULFATE ION' 'O4 S -2'
#
# COMPACT_ATOMS: atom_id res chain seq x y z
N ARG A 8 -14.16 34.87 -8.29
CA ARG A 8 -14.33 35.10 -9.76
C ARG A 8 -13.02 35.56 -10.42
N ILE A 9 -12.93 35.49 -11.75
CA ILE A 9 -14.01 34.97 -12.60
C ILE A 9 -13.85 33.47 -12.83
N PRO A 10 -14.97 32.73 -12.99
CA PRO A 10 -14.87 31.28 -13.11
C PRO A 10 -14.08 30.86 -14.35
N PRO A 11 -13.21 29.85 -14.22
CA PRO A 11 -12.44 29.34 -15.36
C PRO A 11 -13.36 29.08 -16.56
N GLN A 12 -13.03 29.70 -17.69
CA GLN A 12 -13.85 29.62 -18.89
C GLN A 12 -13.05 29.91 -20.14
N SER A 13 -13.63 29.59 -21.29
CA SER A 13 -13.04 29.89 -22.57
C SER A 13 -14.15 30.08 -23.60
N ILE A 14 -14.68 31.30 -23.66
CA ILE A 14 -15.75 31.64 -24.59
C ILE A 14 -15.26 31.43 -26.02
N GLU A 15 -14.03 31.86 -26.30
CA GLU A 15 -13.42 31.68 -27.61
C GLU A 15 -13.45 30.22 -28.07
N ALA A 16 -13.08 29.30 -27.17
CA ALA A 16 -13.07 27.88 -27.49
C ALA A 16 -14.49 27.31 -27.62
N GLU A 17 -15.40 27.81 -26.79
CA GLU A 17 -16.80 27.41 -26.87
C GLU A 17 -17.35 27.81 -28.23
N GLN A 18 -17.06 29.04 -28.63
CA GLN A 18 -17.50 29.56 -29.91
C GLN A 18 -16.93 28.75 -31.08
N ALA A 19 -15.67 28.35 -30.98
CA ALA A 19 -15.03 27.58 -32.03
C ALA A 19 -15.64 26.17 -32.19
N VAL A 20 -16.04 25.55 -31.07
CA VAL A 20 -16.65 24.22 -31.09
C VAL A 20 -17.99 24.24 -31.84
N LEU A 21 -18.84 25.18 -31.45
CA LEU A 21 -20.16 25.32 -32.07
C LEU A 21 -19.99 25.74 -33.53
N GLY A 22 -19.08 26.68 -33.78
CA GLY A 22 -18.77 27.12 -35.15
C GLY A 22 -18.36 25.93 -36.02
N ALA A 23 -17.43 25.13 -35.52
CA ALA A 23 -16.94 23.96 -36.24
C ALA A 23 -18.10 23.10 -36.76
N VAL A 24 -19.09 22.84 -35.89
CA VAL A 24 -20.23 22.02 -36.26
C VAL A 24 -20.98 22.64 -37.45
N PHE A 25 -21.16 23.95 -37.43
CA PHE A 25 -21.82 24.66 -38.54
C PHE A 25 -20.99 24.66 -39.84
N LEU A 26 -19.68 24.50 -39.74
CA LEU A 26 -18.81 24.41 -40.93
C LEU A 26 -18.70 22.99 -41.45
N ASP A 27 -18.55 22.02 -40.53
CA ASP A 27 -18.51 20.60 -40.88
C ASP A 27 -19.34 19.83 -39.86
N PRO A 28 -20.48 19.26 -40.30
CA PRO A 28 -21.39 18.53 -39.42
C PRO A 28 -20.72 17.35 -38.71
N ALA A 29 -19.65 16.83 -39.30
CA ALA A 29 -18.88 15.72 -38.73
C ALA A 29 -18.18 16.13 -37.43
N ALA A 30 -18.04 17.43 -37.21
CA ALA A 30 -17.37 17.94 -36.02
C ALA A 30 -18.15 17.69 -34.71
N LEU A 31 -19.46 17.43 -34.85
CA LEU A 31 -20.31 17.19 -33.68
C LEU A 31 -19.98 15.88 -32.96
N VAL A 32 -19.59 14.87 -33.72
CA VAL A 32 -19.21 13.57 -33.15
C VAL A 32 -18.07 13.71 -32.12
N PRO A 33 -16.91 14.27 -32.54
CA PRO A 33 -15.83 14.50 -31.56
C PRO A 33 -16.26 15.40 -30.40
N ALA A 34 -17.07 16.42 -30.68
CA ALA A 34 -17.48 17.37 -29.66
C ALA A 34 -18.39 16.72 -28.62
N SER A 35 -19.39 15.95 -29.09
CA SER A 35 -20.33 15.28 -28.20
C SER A 35 -19.66 14.19 -27.36
N GLU A 36 -18.61 13.58 -27.89
CA GLU A 36 -17.85 12.58 -27.14
C GLU A 36 -17.18 13.22 -25.93
N ILE A 37 -16.59 14.40 -26.13
CA ILE A 37 -15.87 15.13 -25.10
C ILE A 37 -16.77 16.00 -24.19
N LEU A 38 -17.84 16.56 -24.74
CA LEU A 38 -18.67 17.51 -24.01
C LEU A 38 -20.15 17.18 -23.92
N ILE A 39 -20.79 17.65 -22.86
CA ILE A 39 -22.25 17.65 -22.72
C ILE A 39 -22.64 19.14 -22.65
N PRO A 40 -23.90 19.48 -22.97
CA PRO A 40 -24.29 20.90 -22.98
C PRO A 40 -23.88 21.70 -21.74
N GLU A 41 -23.94 21.09 -20.56
CA GLU A 41 -23.64 21.77 -19.29
C GLU A 41 -22.19 22.18 -19.10
N ASP A 42 -21.28 21.64 -19.92
CA ASP A 42 -19.86 22.01 -19.85
C ASP A 42 -19.64 23.43 -20.36
N PHE A 43 -20.56 23.91 -21.19
CA PHE A 43 -20.50 25.27 -21.71
C PHE A 43 -20.85 26.24 -20.61
N TYR A 44 -20.01 27.25 -20.42
CA TYR A 44 -20.24 28.21 -19.35
C TYR A 44 -21.39 29.16 -19.68
N ARG A 45 -21.46 29.60 -20.93
CA ARG A 45 -22.49 30.52 -21.38
C ARG A 45 -23.78 29.76 -21.64
N ALA A 46 -24.88 30.26 -21.07
CA ALA A 46 -26.19 29.59 -21.21
C ALA A 46 -26.60 29.39 -22.68
N ALA A 47 -26.34 30.38 -23.53
CA ALA A 47 -26.70 30.32 -24.94
C ALA A 47 -26.02 29.13 -25.61
N HIS A 48 -24.77 28.89 -25.26
CA HIS A 48 -24.03 27.78 -25.84
C HIS A 48 -24.56 26.42 -25.39
N GLN A 49 -25.08 26.37 -24.16
CA GLN A 49 -25.70 25.15 -23.67
C GLN A 49 -26.93 24.87 -24.52
N LYS A 50 -27.80 25.87 -24.65
CA LYS A 50 -29.01 25.73 -25.45
C LYS A 50 -28.71 25.33 -26.89
N ILE A 51 -27.68 25.94 -27.48
CA ILE A 51 -27.29 25.66 -28.85
C ILE A 51 -26.76 24.23 -28.99
N PHE A 52 -25.83 23.83 -28.12
CA PHE A 52 -25.27 22.48 -28.17
C PHE A 52 -26.38 21.44 -27.96
N HIS A 53 -27.31 21.75 -27.06
CA HIS A 53 -28.44 20.86 -26.80
C HIS A 53 -29.35 20.70 -28.03
N ALA A 54 -29.55 21.79 -28.78
CA ALA A 54 -30.35 21.76 -30.00
C ALA A 54 -29.68 20.88 -31.05
N MET A 55 -28.37 21.02 -31.18
CA MET A 55 -27.56 20.21 -32.10
C MET A 55 -27.74 18.72 -31.80
N LEU A 56 -27.50 18.34 -30.55
CA LEU A 56 -27.66 16.96 -30.09
C LEU A 56 -29.05 16.40 -30.36
N ARG A 57 -30.09 17.20 -30.13
CA ARG A 57 -31.47 16.75 -30.40
C ARG A 57 -31.67 16.46 -31.88
N VAL A 58 -31.26 17.39 -32.74
CA VAL A 58 -31.35 17.21 -34.19
C VAL A 58 -30.59 15.94 -34.59
N ALA A 59 -29.38 15.79 -34.06
CA ALA A 59 -28.55 14.63 -34.36
C ALA A 59 -29.18 13.30 -33.97
N ASP A 60 -29.81 13.26 -32.80
CA ASP A 60 -30.43 12.02 -32.29
C ASP A 60 -31.61 11.58 -33.16
N ARG A 61 -32.17 12.53 -33.88
CA ARG A 61 -33.28 12.25 -34.80
C ARG A 61 -32.77 11.74 -36.14
N GLY A 62 -31.45 11.75 -36.31
CA GLY A 62 -30.82 11.28 -37.55
C GLY A 62 -31.00 12.29 -38.66
N GLU A 63 -31.18 13.54 -38.28
CA GLU A 63 -31.41 14.63 -39.21
C GLU A 63 -30.13 15.43 -39.36
N PRO A 64 -29.92 16.06 -40.52
CA PRO A 64 -28.66 16.77 -40.71
C PRO A 64 -28.56 18.00 -39.80
N VAL A 65 -27.42 18.11 -39.12
CA VAL A 65 -27.15 19.22 -38.23
C VAL A 65 -26.42 20.32 -38.98
N ASP A 66 -27.13 21.39 -39.29
CA ASP A 66 -26.53 22.57 -39.92
C ASP A 66 -27.24 23.81 -39.38
N LEU A 67 -26.88 24.98 -39.93
CA LEU A 67 -27.42 26.24 -39.45
C LEU A 67 -28.93 26.34 -39.55
N VAL A 68 -29.52 25.72 -40.57
CA VAL A 68 -30.96 25.80 -40.75
C VAL A 68 -31.73 24.94 -39.74
N THR A 69 -31.32 23.67 -39.57
CA THR A 69 -32.02 22.77 -38.65
C THR A 69 -31.84 23.18 -37.19
N VAL A 70 -30.67 23.71 -36.84
CA VAL A 70 -30.45 24.20 -35.49
C VAL A 70 -31.30 25.47 -35.26
N THR A 71 -31.37 26.34 -36.25
CA THR A 71 -32.23 27.53 -36.16
C THR A 71 -33.69 27.13 -35.92
N ALA A 72 -34.16 26.13 -36.68
CA ALA A 72 -35.51 25.60 -36.58
C ALA A 72 -35.78 25.00 -35.21
N GLU A 73 -34.81 24.22 -34.72
CA GLU A 73 -34.89 23.56 -33.43
C GLU A 73 -35.05 24.56 -32.28
N LEU A 74 -34.22 25.59 -32.30
CA LEU A 74 -34.26 26.63 -31.29
C LEU A 74 -35.52 27.50 -31.41
N ALA A 75 -36.02 27.68 -32.63
CA ALA A 75 -37.24 28.44 -32.83
C ALA A 75 -38.42 27.72 -32.18
N ALA A 76 -38.49 26.41 -32.39
CA ALA A 76 -39.56 25.58 -31.82
C ALA A 76 -39.48 25.44 -30.29
N SER A 77 -38.27 25.50 -29.74
CA SER A 77 -38.11 25.46 -28.28
C SER A 77 -38.10 26.86 -27.69
N GLU A 78 -38.45 27.85 -28.51
CA GLU A 78 -38.55 29.25 -28.12
C GLU A 78 -37.25 29.78 -27.51
N GLN A 79 -36.14 29.47 -28.16
CA GLN A 79 -34.82 29.84 -27.63
C GLN A 79 -33.92 30.65 -28.59
N LEU A 80 -34.36 30.83 -29.83
CA LEU A 80 -33.61 31.63 -30.84
C LEU A 80 -33.15 33.02 -30.40
N GLU A 81 -34.10 33.89 -30.04
CA GLU A 81 -33.79 35.25 -29.64
C GLU A 81 -32.91 35.26 -28.41
N GLU A 82 -33.25 34.36 -27.50
CA GLU A 82 -32.57 34.17 -26.22
C GLU A 82 -31.08 33.84 -26.41
N ILE A 83 -30.76 33.14 -27.49
CA ILE A 83 -29.36 32.80 -27.80
C ILE A 83 -28.71 33.77 -28.79
N GLY A 84 -29.45 34.80 -29.19
CA GLY A 84 -28.93 35.82 -30.10
C GLY A 84 -29.32 35.72 -31.57
N GLY A 85 -30.29 34.84 -31.89
CA GLY A 85 -30.80 34.71 -33.25
C GLY A 85 -29.89 33.95 -34.19
N VAL A 86 -30.25 33.89 -35.47
CA VAL A 86 -29.42 33.22 -36.47
C VAL A 86 -28.14 34.02 -36.68
N SER A 87 -28.24 35.32 -36.37
CA SER A 87 -27.15 36.24 -36.50
C SER A 87 -26.01 35.83 -35.58
N TYR A 88 -26.36 35.33 -34.40
CA TYR A 88 -25.35 34.84 -33.47
C TYR A 88 -24.75 33.53 -33.97
N LEU A 89 -25.59 32.70 -34.59
CA LEU A 89 -25.13 31.43 -35.14
C LEU A 89 -24.14 31.65 -36.28
N SER A 90 -24.30 32.77 -37.01
CA SER A 90 -23.37 33.18 -38.05
C SER A 90 -22.02 33.54 -37.45
N GLU A 91 -22.04 34.28 -36.34
CA GLU A 91 -20.81 34.68 -35.67
C GLU A 91 -20.02 33.47 -35.22
N LEU A 92 -20.72 32.45 -34.72
CA LEU A 92 -20.07 31.23 -34.26
C LEU A 92 -19.31 30.61 -35.42
N ALA A 93 -19.98 30.53 -36.57
CA ALA A 93 -19.36 30.03 -37.80
C ALA A 93 -18.13 30.84 -38.21
N ASP A 94 -18.06 32.11 -37.84
CA ASP A 94 -16.89 32.95 -38.14
C ASP A 94 -15.82 32.87 -37.04
N ALA A 95 -16.16 32.21 -35.94
CA ALA A 95 -15.30 32.17 -34.76
C ALA A 95 -14.39 30.95 -34.70
N VAL A 96 -14.41 30.12 -35.74
CA VAL A 96 -13.61 28.90 -35.77
C VAL A 96 -12.42 29.00 -36.72
N PRO A 97 -11.19 28.95 -36.19
CA PRO A 97 -10.01 29.03 -37.05
C PRO A 97 -9.95 27.87 -38.05
N THR A 98 -10.10 26.62 -37.57
CA THR A 98 -10.16 25.45 -38.45
C THR A 98 -11.06 24.37 -37.83
N ALA A 99 -12.08 23.94 -38.57
CA ALA A 99 -13.03 22.95 -38.08
C ALA A 99 -12.38 21.63 -37.65
N ALA A 100 -11.30 21.25 -38.33
CA ALA A 100 -10.57 20.02 -38.00
C ALA A 100 -9.97 20.03 -36.59
N ASN A 101 -9.73 21.21 -36.03
CA ASN A 101 -9.17 21.31 -34.68
C ASN A 101 -10.20 21.25 -33.55
N VAL A 102 -11.43 20.86 -33.88
CA VAL A 102 -12.56 20.81 -32.94
C VAL A 102 -12.32 20.04 -31.63
N GLU A 103 -11.52 18.97 -31.67
CA GLU A 103 -11.22 18.21 -30.45
C GLU A 103 -10.41 19.02 -29.46
N TYR A 104 -9.47 19.81 -29.98
CA TYR A 104 -8.63 20.63 -29.14
C TYR A 104 -9.44 21.77 -28.53
N TYR A 105 -10.32 22.35 -29.34
CA TYR A 105 -11.22 23.39 -28.85
C TYR A 105 -12.11 22.79 -27.77
N ALA A 106 -12.62 21.59 -28.05
CA ALA A 106 -13.48 20.85 -27.12
C ALA A 106 -12.79 20.56 -25.80
N ARG A 107 -11.54 20.11 -25.85
CA ARG A 107 -10.81 19.79 -24.63
C ARG A 107 -10.60 21.00 -23.74
N ILE A 108 -10.40 22.17 -24.36
CA ILE A 108 -10.25 23.42 -23.62
C ILE A 108 -11.53 23.74 -22.85
N VAL A 109 -12.67 23.58 -23.52
CA VAL A 109 -13.98 23.80 -22.90
C VAL A 109 -14.14 22.82 -21.74
N GLU A 110 -13.82 21.55 -21.97
CA GLU A 110 -13.95 20.52 -20.95
C GLU A 110 -13.07 20.82 -19.74
N GLU A 111 -11.80 21.13 -20.02
CA GLU A 111 -10.83 21.47 -18.97
C GLU A 111 -11.36 22.53 -18.04
N LYS A 112 -11.95 23.57 -18.62
CA LYS A 112 -12.48 24.66 -17.81
C LYS A 112 -13.80 24.33 -17.10
N SER A 113 -14.47 23.27 -17.55
CA SER A 113 -15.68 22.77 -16.91
C SER A 113 -15.30 21.97 -15.65
N VAL A 114 -14.28 21.13 -15.80
CA VAL A 114 -13.77 20.32 -14.70
C VAL A 114 -13.25 21.20 -13.57
N LEU A 115 -12.53 22.27 -13.92
CA LEU A 115 -12.04 23.24 -12.95
C LEU A 115 -13.18 23.87 -12.16
N ARG A 116 -14.27 24.22 -12.85
CA ARG A 116 -15.41 24.82 -12.19
C ARG A 116 -16.05 23.83 -11.22
N ARG A 117 -16.08 22.55 -11.59
CA ARG A 117 -16.62 21.50 -10.71
C ARG A 117 -15.72 21.32 -9.48
N LEU A 118 -14.41 21.41 -9.68
CA LEU A 118 -13.46 21.30 -8.58
C LEU A 118 -13.69 22.43 -7.58
N ILE A 119 -13.79 23.66 -8.11
CA ILE A 119 -14.06 24.85 -7.31
C ILE A 119 -15.39 24.75 -6.58
N ARG A 120 -16.40 24.23 -7.28
CA ARG A 120 -17.74 24.12 -6.68
C ARG A 120 -17.75 23.12 -5.53
N THR A 121 -17.17 21.94 -5.74
CA THR A 121 -17.17 20.90 -4.71
C THR A 121 -16.28 21.26 -3.52
N ALA A 122 -15.15 21.90 -3.81
CA ALA A 122 -14.22 22.35 -2.78
C ALA A 122 -14.90 23.39 -1.88
N THR A 123 -15.55 24.38 -2.50
CA THR A 123 -16.30 25.41 -1.77
C THR A 123 -17.39 24.76 -0.92
N SER A 124 -18.10 23.81 -1.53
CA SER A 124 -19.17 23.06 -0.87
C SER A 124 -18.66 22.36 0.39
N ILE A 125 -17.47 21.76 0.29
CA ILE A 125 -16.85 21.08 1.42
C ILE A 125 -16.51 22.10 2.51
N ALA A 126 -15.88 23.20 2.10
CA ALA A 126 -15.51 24.27 3.03
C ALA A 126 -16.72 24.78 3.80
N GLN A 127 -17.83 25.02 3.09
CA GLN A 127 -19.08 25.50 3.72
C GLN A 127 -19.66 24.49 4.72
N ASP A 128 -19.72 23.23 4.32
CA ASP A 128 -20.19 22.16 5.21
C ASP A 128 -19.37 22.08 6.50
N GLY A 129 -18.10 22.47 6.41
CA GLY A 129 -17.20 22.53 7.55
C GLY A 129 -17.68 23.46 8.65
N TYR A 130 -18.28 24.59 8.25
CA TYR A 130 -18.83 25.56 9.20
C TYR A 130 -20.23 25.16 9.66
N THR A 131 -21.04 24.65 8.75
CA THR A 131 -22.44 24.27 9.02
C THR A 131 -22.54 23.01 9.91
N ARG A 132 -22.71 21.84 9.30
CA ARG A 132 -22.77 20.56 10.03
C ARG A 132 -21.48 20.35 10.82
N GLU A 133 -21.60 20.03 12.11
CA GLU A 133 -20.44 20.06 13.00
C GLU A 133 -20.34 19.16 14.28
N ASP A 134 -21.27 18.24 14.63
CA ASP A 134 -22.51 17.83 13.97
C ASP A 134 -22.28 16.72 12.91
N GLU A 135 -21.44 15.71 13.32
CA GLU A 135 -21.10 14.51 12.51
C GLU A 135 -19.59 14.24 12.35
N ILE A 136 -18.96 14.96 11.42
CA ILE A 136 -17.52 14.87 11.05
C ILE A 136 -17.02 13.60 10.33
N ASP A 137 -17.28 12.42 10.92
CA ASP A 137 -16.84 11.15 10.30
C ASP A 137 -17.49 10.96 8.94
N VAL A 138 -18.75 11.35 8.84
CA VAL A 138 -19.50 11.30 7.58
C VAL A 138 -18.95 12.39 6.66
N LEU A 139 -18.73 13.58 7.22
CA LEU A 139 -18.18 14.73 6.49
C LEU A 139 -16.89 14.44 5.74
N LEU A 140 -15.93 13.82 6.43
CA LEU A 140 -14.64 13.48 5.83
C LEU A 140 -14.78 12.43 4.74
N ASP A 141 -15.64 11.44 4.97
CA ASP A 141 -15.89 10.38 4.00
C ASP A 141 -16.55 10.91 2.73
N GLU A 142 -17.55 11.78 2.87
CA GLU A 142 -18.17 12.35 1.68
C GLU A 142 -17.27 13.40 1.01
N ALA A 143 -16.35 13.99 1.78
CA ALA A 143 -15.35 14.90 1.23
C ALA A 143 -14.38 14.07 0.38
N ASP A 144 -14.02 12.90 0.88
CA ASP A 144 -13.22 11.93 0.12
C ASP A 144 -13.95 11.62 -1.17
N ARG A 145 -15.20 11.17 -1.02
CA ARG A 145 -16.07 10.75 -2.11
C ARG A 145 -16.27 11.83 -3.19
N LYS A 146 -16.62 13.03 -2.76
CA LYS A 146 -16.92 14.13 -3.69
C LYS A 146 -15.72 14.61 -4.52
N ILE A 147 -14.53 14.63 -3.93
CA ILE A 147 -13.34 15.08 -4.65
C ILE A 147 -12.94 14.09 -5.75
N MET A 148 -13.03 12.79 -5.46
CA MET A 148 -12.71 11.74 -6.43
C MET A 148 -13.63 11.84 -7.65
N GLU A 149 -14.91 12.14 -7.41
CA GLU A 149 -15.93 12.25 -8.47
C GLU A 149 -15.61 13.33 -9.51
N VAL A 150 -14.84 14.34 -9.11
CA VAL A 150 -14.48 15.43 -10.01
C VAL A 150 -13.53 14.94 -11.11
N SER A 151 -12.68 13.73 -10.47
CA SER A 151 -11.72 13.16 -11.42
C SER A 151 -12.41 12.21 -12.40
N GLY A 185 0.92 -10.57 35.96
CA GLY A 185 0.53 -10.19 34.60
C GLY A 185 -0.04 -11.36 33.82
N ILE A 186 0.21 -11.37 32.51
CA ILE A 186 -0.25 -12.44 31.63
C ILE A 186 0.80 -13.55 31.59
N PRO A 187 0.44 -14.76 32.08
CA PRO A 187 1.34 -15.92 32.06
C PRO A 187 1.77 -16.27 30.64
N THR A 188 3.07 -16.53 30.48
CA THR A 188 3.68 -16.79 29.18
C THR A 188 3.61 -18.25 28.78
N GLY A 189 3.55 -19.14 29.77
CA GLY A 189 3.56 -20.58 29.53
C GLY A 189 4.94 -21.15 29.77
N PHE A 190 5.93 -20.26 29.84
CA PHE A 190 7.31 -20.65 30.12
C PHE A 190 7.65 -20.29 31.57
N THR A 191 7.44 -21.25 32.46
CA THR A 191 7.60 -21.06 33.91
C THR A 191 8.81 -20.22 34.32
N GLU A 192 9.94 -20.39 33.64
CA GLU A 192 11.17 -19.70 34.01
C GLU A 192 11.17 -18.23 33.58
N LEU A 193 10.48 -17.93 32.47
CA LEU A 193 10.32 -16.55 32.00
C LEU A 193 9.29 -15.82 32.87
N ASP A 194 8.31 -16.57 33.38
CA ASP A 194 7.27 -16.03 34.27
C ASP A 194 7.84 -15.63 35.63
N ARG A 195 8.88 -16.33 36.07
CA ARG A 195 9.57 -15.98 37.32
C ARG A 195 10.12 -14.56 37.31
N MET A 196 10.85 -14.23 36.24
CA MET A 196 11.50 -12.93 36.11
C MET A 196 10.56 -11.77 35.79
N THR A 197 9.67 -12.00 34.83
CA THR A 197 8.75 -10.98 34.37
C THR A 197 7.52 -10.85 35.26
N SER A 198 6.81 -11.96 35.46
CA SER A 198 5.65 -12.06 36.37
C SER A 198 4.21 -11.85 35.85
N GLY A 199 3.91 -11.99 34.55
CA GLY A 199 4.85 -12.25 33.48
C GLY A 199 4.83 -10.96 32.67
N PHE A 200 4.24 -11.02 31.48
CA PHE A 200 4.09 -9.82 30.65
C PHE A 200 2.86 -9.04 31.12
N GLN A 201 3.06 -7.79 31.52
CA GLN A 201 2.00 -7.02 32.16
C GLN A 201 1.36 -5.94 31.32
N ARG A 202 0.15 -5.57 31.70
CA ARG A 202 -0.64 -4.55 31.00
C ARG A 202 0.09 -3.21 30.92
N SER A 203 -0.01 -2.59 29.74
CA SER A 203 0.61 -1.28 29.44
C SER A 203 2.11 -1.32 29.13
N ASP A 204 2.73 -2.49 29.24
CA ASP A 204 4.14 -2.63 28.94
C ASP A 204 4.44 -2.86 27.47
N LEU A 205 5.50 -2.21 26.98
CA LEU A 205 5.99 -2.43 25.63
C LEU A 205 7.16 -3.40 25.71
N ILE A 206 6.95 -4.60 25.19
CA ILE A 206 7.96 -5.65 25.25
C ILE A 206 8.56 -5.82 23.87
N ILE A 207 9.88 -5.75 23.80
CA ILE A 207 10.60 -5.86 22.54
C ILE A 207 11.51 -7.08 22.52
N VAL A 208 11.25 -7.97 21.58
CA VAL A 208 12.01 -9.21 21.43
C VAL A 208 12.83 -9.14 20.14
N ALA A 209 14.12 -8.82 20.30
CA ALA A 209 15.04 -8.69 19.18
C ALA A 209 15.88 -9.94 19.00
N ALA A 210 16.13 -10.31 17.74
CA ALA A 210 16.94 -11.48 17.40
C ALA A 210 17.41 -11.44 15.94
N ARG A 211 18.62 -11.95 15.71
CA ARG A 211 19.18 -12.05 14.36
C ARG A 211 18.34 -13.06 13.55
N PRO A 212 18.35 -12.95 12.21
CA PRO A 212 17.59 -13.90 11.39
C PRO A 212 18.02 -15.35 11.61
N SER A 213 17.04 -16.25 11.66
CA SER A 213 17.23 -17.70 11.87
C SER A 213 17.34 -18.14 13.34
N VAL A 214 17.36 -17.18 14.26
CA VAL A 214 17.47 -17.48 15.69
C VAL A 214 16.17 -18.08 16.24
N GLY A 215 15.04 -17.58 15.75
CA GLY A 215 13.73 -18.12 16.13
C GLY A 215 12.85 -17.19 16.93
N LYS A 216 12.87 -15.91 16.60
CA LYS A 216 12.06 -14.90 17.30
C LYS A 216 10.56 -15.02 16.97
N THR A 217 10.26 -15.34 15.72
CA THR A 217 8.89 -15.50 15.25
C THR A 217 8.24 -16.70 15.94
N ALA A 218 8.97 -17.82 16.00
CA ALA A 218 8.51 -19.02 16.66
C ALA A 218 8.27 -18.75 18.15
N PHE A 219 9.18 -17.98 18.75
CA PHE A 219 9.09 -17.60 20.16
C PHE A 219 7.81 -16.81 20.46
N ALA A 220 7.56 -15.77 19.66
CA ALA A 220 6.39 -14.93 19.80
C ALA A 220 5.09 -15.70 19.59
N LEU A 221 5.10 -16.62 18.62
CA LEU A 221 3.94 -17.47 18.32
C LEU A 221 3.62 -18.44 19.44
N ASN A 222 4.67 -18.99 20.08
CA ASN A 222 4.49 -19.90 21.21
C ASN A 222 3.80 -19.20 22.38
N ILE A 223 4.24 -17.97 22.66
CA ILE A 223 3.66 -17.16 23.73
C ILE A 223 2.20 -16.83 23.40
N ALA A 224 1.96 -16.36 22.17
CA ALA A 224 0.62 -16.04 21.70
C ALA A 224 -0.30 -17.27 21.76
N GLN A 225 0.26 -18.43 21.46
CA GLN A 225 -0.48 -19.69 21.47
C GLN A 225 -0.78 -20.14 22.89
N ASN A 226 0.21 -20.04 23.78
CA ASN A 226 0.05 -20.40 25.19
C ASN A 226 -1.01 -19.55 25.88
N VAL A 227 -0.98 -18.25 25.62
CA VAL A 227 -1.94 -17.31 26.21
C VAL A 227 -3.37 -17.62 25.76
N ALA A 228 -3.59 -17.73 24.44
CA ALA A 228 -4.92 -17.96 23.89
C ALA A 228 -5.53 -19.31 24.24
N THR A 229 -4.72 -20.37 24.22
CA THR A 229 -5.21 -21.73 24.52
C THR A 229 -5.32 -22.03 26.01
N LYS A 230 -4.37 -21.55 26.82
CA LYS A 230 -4.38 -21.79 28.26
C LYS A 230 -5.25 -20.82 29.05
N THR A 231 -5.04 -19.52 28.86
CA THR A 231 -5.84 -18.51 29.54
C THR A 231 -7.03 -18.04 28.69
N ASN A 232 -7.99 -17.36 29.31
CA ASN A 232 -9.22 -16.93 28.65
C ASN A 232 -9.11 -15.59 27.92
N GLU A 233 -7.87 -15.21 27.58
CA GLU A 233 -7.60 -13.90 26.99
C GLU A 233 -7.44 -13.98 25.46
N ASN A 234 -7.71 -12.86 24.78
CA ASN A 234 -7.58 -12.78 23.33
C ASN A 234 -6.24 -12.17 22.90
N VAL A 235 -5.63 -12.75 21.87
CA VAL A 235 -4.36 -12.30 21.36
C VAL A 235 -4.50 -11.76 19.94
N ALA A 236 -3.97 -10.58 19.69
CA ALA A 236 -3.99 -9.97 18.36
C ALA A 236 -2.61 -10.08 17.73
N ILE A 237 -2.52 -10.81 16.61
CA ILE A 237 -1.24 -11.04 15.95
C ILE A 237 -1.17 -10.33 14.60
N PHE A 238 -0.12 -9.54 14.43
CA PHE A 238 0.14 -8.85 13.18
C PHE A 238 1.34 -9.50 12.54
N SER A 239 1.13 -10.17 11.42
CA SER A 239 2.22 -10.80 10.70
C SER A 239 2.41 -10.10 9.36
N LEU A 240 3.47 -9.31 9.27
CA LEU A 240 3.69 -8.48 8.09
C LEU A 240 4.52 -9.19 7.02
N GLU A 241 5.37 -10.13 7.44
CA GLU A 241 6.24 -10.88 6.53
C GLU A 241 5.64 -12.24 6.16
N MET A 242 4.84 -12.80 7.07
CA MET A 242 4.29 -14.14 6.93
C MET A 242 2.76 -14.10 6.84
N SER A 243 2.20 -14.90 5.93
CA SER A 243 0.74 -14.92 5.73
C SER A 243 0.02 -15.61 6.88
N ALA A 244 -1.31 -15.42 6.94
CA ALA A 244 -2.14 -15.96 8.01
C ALA A 244 -2.18 -17.49 8.07
N GLN A 245 -2.27 -18.13 6.91
CA GLN A 245 -2.30 -19.59 6.84
C GLN A 245 -0.91 -20.18 7.09
N GLN A 246 0.12 -19.48 6.61
CA GLN A 246 1.51 -19.88 6.76
C GLN A 246 1.92 -19.83 8.24
N LEU A 247 1.24 -18.98 8.99
CA LEU A 247 1.49 -18.80 10.41
C LEU A 247 0.70 -19.82 11.24
N VAL A 248 -0.52 -20.12 10.80
CA VAL A 248 -1.36 -21.14 11.45
C VAL A 248 -0.75 -22.54 11.28
N MET A 249 -0.13 -22.77 10.13
CA MET A 249 0.59 -24.02 9.83
C MET A 249 1.66 -24.28 10.89
N ARG A 250 2.32 -23.20 11.32
CA ARG A 250 3.40 -23.32 12.30
C ARG A 250 2.88 -23.54 13.71
N MET A 251 1.73 -22.95 14.05
CA MET A 251 1.15 -23.18 15.38
C MET A 251 0.25 -24.43 15.45
N LEU A 252 -0.06 -25.02 14.30
CA LEU A 252 -0.74 -26.33 14.28
C LEU A 252 0.30 -27.41 14.57
N CYS A 253 1.46 -27.29 13.94
CA CYS A 253 2.59 -28.19 14.17
C CYS A 253 3.03 -28.13 15.61
N ALA A 254 3.14 -26.91 16.13
CA ALA A 254 3.53 -26.66 17.51
C ALA A 254 2.50 -27.25 18.48
N GLU A 255 1.22 -27.04 18.17
CA GLU A 255 0.13 -27.49 19.02
C GLU A 255 0.11 -29.01 19.24
N GLY A 256 -0.22 -29.75 18.18
CA GLY A 256 -0.40 -31.20 18.27
C GLY A 256 0.80 -32.08 18.00
N ASN A 257 2.00 -31.48 17.96
CA ASN A 257 3.25 -32.21 17.71
C ASN A 257 3.32 -32.88 16.34
N ILE A 258 3.17 -32.08 15.29
CA ILE A 258 3.24 -32.57 13.91
C ILE A 258 4.53 -32.07 13.28
N ASN A 259 5.28 -32.99 12.68
CA ASN A 259 6.54 -32.65 12.03
C ASN A 259 6.31 -31.60 10.94
N ALA A 260 6.97 -30.45 11.08
CA ALA A 260 6.80 -29.31 10.18
C ALA A 260 7.04 -29.64 8.71
N GLN A 261 8.20 -30.25 8.42
CA GLN A 261 8.58 -30.63 7.06
C GLN A 261 7.61 -31.66 6.50
N ASN A 262 7.07 -32.50 7.38
CA ASN A 262 6.06 -33.51 7.03
C ASN A 262 4.85 -32.86 6.35
N LEU A 263 4.38 -31.73 6.88
CA LEU A 263 3.27 -31.00 6.27
C LEU A 263 3.72 -30.29 4.99
N ARG A 264 4.88 -29.62 5.06
CA ARG A 264 5.46 -28.88 3.92
C ARG A 264 5.57 -29.74 2.66
N THR A 265 6.05 -30.97 2.82
CA THR A 265 6.27 -31.88 1.70
C THR A 265 5.16 -32.94 1.62
N GLY A 266 4.28 -32.94 2.62
CA GLY A 266 3.13 -33.86 2.73
C GLY A 266 2.97 -34.98 1.72
N LYS A 267 3.20 -36.25 2.10
CA LYS A 267 3.60 -36.73 3.44
C LYS A 267 2.55 -36.52 4.54
N LEU A 268 2.58 -37.40 5.55
CA LEU A 268 1.68 -37.42 6.72
C LEU A 268 1.32 -38.84 7.13
N THR A 269 1.72 -39.22 8.34
CA THR A 269 1.39 -40.52 8.91
C THR A 269 -0.11 -40.48 9.27
N PRO A 270 -0.87 -41.53 8.93
CA PRO A 270 -2.32 -41.58 9.21
C PRO A 270 -2.72 -41.15 10.62
N GLU A 271 -1.83 -41.37 11.60
CA GLU A 271 -2.14 -41.05 12.98
C GLU A 271 -1.52 -39.71 13.37
N ASP A 272 -0.60 -39.26 12.54
CA ASP A 272 -0.02 -37.91 12.63
C ASP A 272 -1.10 -37.00 12.05
N TRP A 273 -2.01 -37.59 11.30
CA TRP A 273 -3.16 -36.90 10.70
C TRP A 273 -4.27 -36.73 11.75
N GLY A 274 -4.50 -37.78 12.54
CA GLY A 274 -5.46 -37.74 13.64
C GLY A 274 -4.97 -36.78 14.71
N LYS A 275 -3.67 -36.55 14.70
CA LYS A 275 -2.98 -35.64 15.61
C LYS A 275 -3.33 -34.21 15.22
N LEU A 276 -3.62 -34.02 13.93
CA LEU A 276 -3.98 -32.72 13.37
C LEU A 276 -5.40 -32.30 13.74
N THR A 277 -6.32 -33.26 13.80
CA THR A 277 -7.72 -32.99 14.12
C THR A 277 -7.88 -32.53 15.58
N MET A 278 -7.05 -33.08 16.47
CA MET A 278 -7.08 -32.70 17.89
C MET A 278 -6.46 -31.33 18.05
N ALA A 279 -5.45 -31.05 17.23
CA ALA A 279 -4.77 -29.74 17.23
C ALA A 279 -5.76 -28.66 16.81
N MET A 280 -6.52 -28.93 15.75
CA MET A 280 -7.53 -27.99 15.27
C MET A 280 -8.65 -27.77 16.28
N GLY A 281 -9.17 -28.86 16.83
CA GLY A 281 -10.25 -28.81 17.82
C GLY A 281 -9.92 -27.91 18.99
N SER A 282 -8.73 -28.12 19.56
CA SER A 282 -8.26 -27.33 20.70
C SER A 282 -7.89 -25.91 20.30
N LEU A 283 -7.44 -25.74 19.07
CA LEU A 283 -6.98 -24.44 18.58
C LEU A 283 -8.14 -23.56 18.08
N SER A 284 -9.29 -24.18 17.83
CA SER A 284 -10.48 -23.46 17.39
C SER A 284 -11.13 -22.67 18.52
N ASN A 285 -11.00 -23.18 19.74
CA ASN A 285 -11.57 -22.53 20.93
C ASN A 285 -10.78 -21.29 21.36
N ALA A 286 -9.53 -21.20 20.91
CA ALA A 286 -8.65 -20.09 21.25
C ALA A 286 -9.08 -18.78 20.57
N GLY A 287 -8.87 -17.67 21.28
CA GLY A 287 -9.19 -16.36 20.75
C GLY A 287 -7.99 -15.74 20.05
N ILE A 288 -7.67 -16.29 18.88
CA ILE A 288 -6.55 -15.79 18.08
C ILE A 288 -7.03 -15.03 16.84
N TYR A 289 -6.68 -13.74 16.80
CA TYR A 289 -7.05 -12.85 15.71
C TYR A 289 -5.79 -12.45 14.96
N ILE A 290 -5.73 -12.80 13.68
CA ILE A 290 -4.55 -12.53 12.86
C ILE A 290 -4.83 -11.55 11.73
N ASP A 291 -3.90 -10.61 11.55
CA ASP A 291 -3.94 -9.64 10.48
C ASP A 291 -2.62 -9.78 9.71
N ASP A 292 -2.68 -10.33 8.50
CA ASP A 292 -1.47 -10.55 7.70
C ASP A 292 -1.26 -9.53 6.60
N THR A 293 -1.52 -8.26 6.93
CA THR A 293 -1.32 -7.15 6.02
C THR A 293 0.17 -6.85 5.87
N PRO A 294 0.70 -6.98 4.64
CA PRO A 294 2.11 -6.82 4.25
C PRO A 294 2.90 -5.71 4.97
N SER A 295 2.42 -4.47 4.95
CA SER A 295 3.11 -3.36 5.63
C SER A 295 2.20 -2.25 6.13
N ILE A 296 1.59 -2.49 7.28
CA ILE A 296 0.62 -1.56 7.89
C ILE A 296 1.33 -0.37 8.53
N ARG A 297 0.54 0.68 8.78
CA ARG A 297 1.02 1.84 9.53
C ARG A 297 0.55 1.58 10.97
N VAL A 298 1.06 2.34 11.94
CA VAL A 298 0.70 2.11 13.34
C VAL A 298 -0.75 2.50 13.62
N SER A 299 -1.26 3.48 12.87
CA SER A 299 -2.63 3.95 13.05
C SER A 299 -3.64 2.86 12.72
N ASP A 300 -3.36 2.06 11.68
CA ASP A 300 -4.22 0.94 11.29
C ASP A 300 -4.19 -0.14 12.36
N ILE A 301 -2.99 -0.45 12.86
CA ILE A 301 -2.82 -1.40 13.96
C ILE A 301 -3.67 -0.94 15.15
N ARG A 302 -3.45 0.31 15.55
CA ARG A 302 -4.16 0.91 16.68
C ARG A 302 -5.67 0.86 16.56
N ALA A 303 -6.19 1.24 15.39
CA ALA A 303 -7.64 1.28 15.16
C ALA A 303 -8.27 -0.11 15.24
N LYS A 304 -7.58 -1.11 14.69
CA LYS A 304 -8.08 -2.48 14.69
C LYS A 304 -8.12 -3.08 16.10
N CYS A 305 -7.04 -2.87 16.85
CA CYS A 305 -6.96 -3.34 18.23
C CYS A 305 -7.99 -2.62 19.10
N ARG A 306 -8.20 -1.34 18.80
CA ARG A 306 -9.14 -0.47 19.48
C ARG A 306 -10.55 -1.07 19.42
N ARG A 307 -10.98 -1.39 18.20
CA ARG A 307 -12.30 -1.98 17.96
C ARG A 307 -12.43 -3.35 18.60
N LEU A 308 -11.35 -4.14 18.52
CA LEU A 308 -11.33 -5.51 19.03
C LEU A 308 -11.55 -5.57 20.55
N LYS A 309 -10.83 -4.74 21.30
CA LYS A 309 -10.92 -4.76 22.77
C LYS A 309 -12.32 -4.45 23.29
N GLN A 310 -12.99 -3.50 22.65
CA GLN A 310 -14.31 -3.06 23.08
C GLN A 310 -15.44 -3.88 22.44
N GLU A 311 -15.06 -4.86 21.61
CA GLU A 311 -16.01 -5.73 20.92
C GLU A 311 -15.98 -7.16 21.44
N SER A 312 -14.78 -7.67 21.71
CA SER A 312 -14.60 -9.04 22.20
C SER A 312 -13.71 -9.12 23.44
N GLY A 313 -12.87 -8.10 23.63
CA GLY A 313 -11.91 -8.06 24.73
C GLY A 313 -10.53 -8.42 24.22
N LEU A 314 -9.51 -7.67 24.63
CA LEU A 314 -8.15 -7.90 24.17
C LEU A 314 -7.17 -8.07 25.34
N GLY A 315 -6.23 -9.00 25.19
CA GLY A 315 -5.23 -9.28 26.22
C GLY A 315 -3.78 -9.10 25.83
N MET A 316 -3.44 -9.43 24.58
CA MET A 316 -2.08 -9.25 24.06
C MET A 316 -2.07 -8.78 22.62
N ILE A 317 -1.00 -8.07 22.27
CA ILE A 317 -0.73 -7.68 20.89
C ILE A 317 0.67 -8.15 20.54
N VAL A 318 0.77 -8.93 19.47
CA VAL A 318 2.06 -9.42 18.99
C VAL A 318 2.24 -8.92 17.56
N ILE A 319 3.36 -8.27 17.30
CA ILE A 319 3.66 -7.74 15.97
C ILE A 319 4.93 -8.37 15.38
N ASP A 320 4.78 -9.11 14.28
CA ASP A 320 5.93 -9.77 13.65
C ASP A 320 6.82 -8.78 12.92
N TYR A 321 7.87 -8.42 13.66
CA TYR A 321 8.91 -7.42 13.41
C TYR A 321 8.59 -6.00 12.94
N LEU A 322 9.14 -5.10 13.75
CA LEU A 322 8.91 -3.66 13.74
C LEU A 322 9.46 -2.93 12.51
N GLN A 323 10.58 -3.41 11.98
CA GLN A 323 11.26 -2.75 10.86
C GLN A 323 10.44 -2.80 9.57
N LEU A 324 9.35 -3.58 9.59
CA LEU A 324 8.45 -3.72 8.44
C LEU A 324 7.27 -2.76 8.48
N ILE A 325 6.96 -2.26 9.68
CA ILE A 325 5.90 -1.28 9.85
C ILE A 325 6.34 -0.03 9.12
N GLN A 326 5.49 0.48 8.22
CA GLN A 326 5.83 1.70 7.51
C GLN A 326 5.31 2.92 8.25
N GLY A 327 6.01 4.05 8.07
CA GLY A 327 5.66 5.29 8.73
C GLY A 327 4.41 5.97 8.19
N SER A 328 4.11 7.15 8.73
CA SER A 328 2.95 7.95 8.34
C SER A 328 3.11 8.61 6.99
N GLY A 329 4.32 8.54 6.42
CA GLY A 329 4.61 9.14 5.13
C GLY A 329 4.16 8.28 3.96
N ARG A 330 5.03 8.14 2.96
CA ARG A 330 4.73 7.35 1.78
C ARG A 330 5.95 6.53 1.34
N ARG A 335 13.81 7.23 8.38
CA ARG A 335 13.69 5.82 8.73
C ARG A 335 14.35 5.51 10.10
N GLN A 336 15.03 6.52 10.65
CA GLN A 336 15.56 6.43 12.01
C GLN A 336 14.62 7.22 12.90
N GLN A 337 14.17 8.36 12.37
CA GLN A 337 13.19 9.22 13.02
C GLN A 337 11.83 8.53 12.91
N GLU A 338 11.60 7.94 11.73
CA GLU A 338 10.40 7.19 11.41
C GLU A 338 10.21 6.01 12.38
N VAL A 339 11.29 5.29 12.66
CA VAL A 339 11.24 4.12 13.54
C VAL A 339 11.05 4.48 15.03
N SER A 340 11.57 5.64 15.44
CA SER A 340 11.39 6.14 16.80
C SER A 340 9.93 6.47 17.09
N GLU A 341 9.26 7.10 16.11
CA GLU A 341 7.84 7.45 16.21
C GLU A 341 6.94 6.22 16.33
N ILE A 342 7.26 5.18 15.56
CA ILE A 342 6.54 3.92 15.60
C ILE A 342 6.70 3.29 16.99
N SER A 343 7.93 3.27 17.48
CA SER A 343 8.25 2.75 18.80
C SER A 343 7.43 3.49 19.85
N ARG A 344 7.51 4.82 19.79
CA ARG A 344 6.78 5.72 20.69
C ARG A 344 5.27 5.49 20.62
N SER A 345 4.79 5.18 19.42
CA SER A 345 3.37 4.94 19.17
C SER A 345 2.91 3.59 19.73
N LEU A 346 3.75 2.56 19.62
CA LEU A 346 3.44 1.24 20.16
C LEU A 346 3.32 1.26 21.69
N LYS A 347 4.15 2.07 22.34
CA LYS A 347 4.08 2.26 23.80
C LYS A 347 2.77 2.93 24.17
N ALA A 348 2.37 3.94 23.38
CA ALA A 348 1.10 4.63 23.56
C ALA A 348 -0.07 3.66 23.35
N LEU A 349 0.10 2.74 22.41
CA LEU A 349 -0.88 1.68 22.13
C LEU A 349 -1.05 0.76 23.33
N ALA A 350 0.07 0.41 23.97
CA ALA A 350 0.05 -0.44 25.16
C ALA A 350 -0.69 0.23 26.31
N ARG A 351 -0.38 1.51 26.57
CA ARG A 351 -1.01 2.28 27.65
C ARG A 351 -2.52 2.43 27.45
N GLU A 352 -2.92 2.77 26.22
CA GLU A 352 -4.32 2.98 25.88
C GLU A 352 -5.20 1.76 26.15
N LEU A 353 -4.82 0.63 25.55
CA LEU A 353 -5.59 -0.61 25.67
C LEU A 353 -5.24 -1.44 26.91
N GLU A 354 -4.38 -0.90 27.77
CA GLU A 354 -3.94 -1.58 29.00
C GLU A 354 -3.62 -3.04 28.71
N VAL A 355 -2.67 -3.23 27.79
CA VAL A 355 -2.32 -4.54 27.30
C VAL A 355 -0.81 -4.59 26.99
N PRO A 356 -0.17 -5.73 27.28
CA PRO A 356 1.23 -5.90 26.88
C PRO A 356 1.37 -6.00 25.37
N VAL A 357 2.28 -5.22 24.79
CA VAL A 357 2.53 -5.24 23.35
C VAL A 357 3.89 -5.87 23.11
N ILE A 358 3.89 -6.98 22.39
CA ILE A 358 5.15 -7.66 22.06
C ILE A 358 5.51 -7.37 20.62
N ALA A 359 6.53 -6.53 20.45
CA ALA A 359 7.03 -6.16 19.12
C ALA A 359 8.38 -6.80 18.87
N LEU A 360 8.42 -7.68 17.87
CA LEU A 360 9.66 -8.31 17.47
C LEU A 360 10.53 -7.29 16.75
N SER A 361 11.84 -7.41 16.93
CA SER A 361 12.80 -6.52 16.30
C SER A 361 13.96 -7.35 15.77
N GLN A 362 14.67 -6.82 14.78
CA GLN A 362 15.81 -7.53 14.22
C GLN A 362 17.09 -6.82 14.60
N LEU A 363 18.11 -7.62 14.90
CA LEU A 363 19.39 -7.08 15.35
C LEU A 363 20.32 -6.75 14.19
N SER A 364 21.15 -5.72 14.40
CA SER A 364 22.17 -5.36 13.41
C SER A 364 23.25 -6.43 13.40
N ARG A 365 24.08 -6.43 12.35
CA ARG A 365 25.11 -7.45 12.18
C ARG A 365 26.35 -7.20 13.05
N SER A 366 26.14 -6.50 14.17
CA SER A 366 27.19 -6.17 15.12
C SER A 366 27.52 -7.33 16.08
N VAL A 367 26.51 -8.15 16.37
CA VAL A 367 26.65 -9.32 17.25
C VAL A 367 27.69 -10.27 16.69
N GLU A 368 27.59 -10.51 15.39
CA GLU A 368 28.52 -11.36 14.65
C GLU A 368 29.91 -10.73 14.64
N GLN A 369 29.96 -9.40 14.71
CA GLN A 369 31.23 -8.68 14.81
C GLN A 369 31.83 -8.92 16.20
N ARG A 370 30.99 -8.94 17.25
CA ARG A 370 31.51 -9.27 18.58
C ARG A 370 32.17 -10.65 18.53
N ARG A 374 26.94 -12.78 21.41
CA ARG A 374 25.93 -12.48 22.42
C ARG A 374 25.45 -11.03 22.31
N PRO A 375 24.17 -10.84 21.92
CA PRO A 375 23.58 -9.51 21.71
C PRO A 375 23.47 -8.66 22.98
N MET A 376 23.52 -7.35 22.78
CA MET A 376 23.35 -6.37 23.87
C MET A 376 22.57 -5.14 23.39
N MET A 377 22.38 -4.16 24.27
CA MET A 377 21.58 -2.98 23.96
C MET A 377 22.04 -2.13 22.79
N SER A 378 23.36 -2.05 22.59
CA SER A 378 23.93 -1.26 21.50
C SER A 378 23.56 -1.78 20.11
N ASP A 379 23.14 -3.04 20.02
CA ASP A 379 22.76 -3.67 18.75
C ASP A 379 21.44 -3.18 18.20
N ILE A 380 20.60 -2.65 19.09
CA ILE A 380 19.33 -2.02 18.68
C ILE A 380 19.41 -0.51 18.87
N ARG A 381 20.51 -0.04 19.47
CA ARG A 381 20.71 1.37 19.72
C ARG A 381 21.17 2.10 18.46
N GLU A 382 21.85 1.36 17.58
CA GLU A 382 22.26 1.87 16.27
C GLU A 382 21.01 1.94 15.40
N SER A 383 19.92 1.35 15.90
CA SER A 383 18.63 1.29 15.23
C SER A 383 17.52 1.75 16.18
N GLY A 384 17.85 2.64 17.11
CA GLY A 384 16.92 3.13 18.13
C GLY A 384 15.78 3.99 17.60
N SER A 385 15.11 4.75 18.47
CA SER A 385 15.41 4.81 19.90
C SER A 385 14.41 3.97 20.69
N ILE A 386 14.32 2.71 20.30
CA ILE A 386 13.40 1.73 20.89
C ILE A 386 13.80 1.43 22.34
N GLU A 387 15.06 1.70 22.66
CA GLU A 387 15.65 1.46 23.97
C GLU A 387 14.91 2.13 25.15
N GLN A 388 14.52 3.39 24.98
CA GLN A 388 13.79 4.11 26.04
C GLN A 388 12.31 3.75 26.14
N ASP A 389 11.63 3.72 25.00
CA ASP A 389 10.19 3.45 24.96
C ASP A 389 9.84 2.08 25.53
N ALA A 390 10.70 1.10 25.30
CA ALA A 390 10.48 -0.25 25.79
C ALA A 390 10.80 -0.30 27.27
N ASP A 391 9.83 -0.76 28.07
CA ASP A 391 10.07 -0.94 29.49
C ASP A 391 10.63 -2.35 29.75
N ILE A 392 10.70 -3.15 28.68
CA ILE A 392 11.29 -4.48 28.72
C ILE A 392 11.82 -4.91 27.34
N VAL A 393 13.14 -5.15 27.27
CA VAL A 393 13.83 -5.53 26.04
C VAL A 393 14.44 -6.91 26.22
N ALA A 394 14.09 -7.84 25.33
CA ALA A 394 14.59 -9.21 25.39
C ALA A 394 15.34 -9.60 24.13
N PHE A 395 16.47 -10.27 24.33
CA PHE A 395 17.25 -10.79 23.21
C PHE A 395 17.21 -12.30 23.18
N LEU A 396 17.26 -12.88 21.98
CA LEU A 396 17.33 -14.32 21.83
C LEU A 396 18.71 -14.69 21.29
N TYR A 397 19.47 -15.43 22.08
CA TYR A 397 20.80 -15.86 21.69
C TYR A 397 20.91 -17.38 21.65
N ARG A 398 21.45 -17.89 20.55
CA ARG A 398 21.67 -19.32 20.43
C ARG A 398 23.14 -19.68 20.50
N ASP A 399 23.53 -20.06 21.72
CA ASP A 399 24.86 -20.54 22.09
C ASP A 399 25.62 -21.31 20.99
N ASP A 400 24.90 -22.05 20.17
CA ASP A 400 25.51 -23.01 19.23
C ASP A 400 25.25 -22.85 17.72
N TYR A 401 24.95 -21.64 17.26
CA TYR A 401 24.83 -21.43 15.80
C TYR A 401 26.20 -21.16 15.18
N LYS A 409 23.22 -29.40 21.99
CA LYS A 409 22.42 -28.30 22.51
C LYS A 409 21.49 -27.68 21.46
N ASN A 410 20.23 -28.08 21.46
CA ASN A 410 19.24 -27.37 20.66
C ASN A 410 18.49 -26.42 21.60
N ILE A 411 19.29 -25.80 22.46
CA ILE A 411 18.83 -24.89 23.51
C ILE A 411 19.01 -23.44 23.06
N ILE A 412 18.16 -22.55 23.57
CA ILE A 412 18.19 -21.14 23.19
C ILE A 412 18.13 -20.28 24.45
N GLU A 413 18.86 -19.18 24.44
CA GLU A 413 18.90 -18.28 25.60
C GLU A 413 18.04 -17.05 25.39
N ILE A 414 17.28 -16.69 26.42
CA ILE A 414 16.44 -15.50 26.39
C ILE A 414 17.03 -14.49 27.37
N ILE A 415 17.76 -13.53 26.82
CA ILE A 415 18.44 -12.52 27.60
C ILE A 415 17.52 -11.32 27.84
N ILE A 416 17.08 -11.14 29.08
CA ILE A 416 16.29 -9.98 29.44
C ILE A 416 17.27 -8.87 29.83
N ALA A 417 17.52 -7.99 28.87
CA ALA A 417 18.49 -6.90 29.05
C ALA A 417 17.90 -5.71 29.79
N LYS A 418 16.59 -5.51 29.64
CA LYS A 418 15.91 -4.42 30.31
C LYS A 418 14.56 -4.87 30.86
N GLN A 419 14.26 -4.44 32.09
CA GLN A 419 12.98 -4.65 32.74
C GLN A 419 12.80 -3.58 33.81
N ARG A 420 11.80 -2.72 33.62
CA ARG A 420 11.59 -1.58 34.53
C ARG A 420 11.20 -1.95 35.97
N ASN A 421 10.39 -2.99 36.10
CA ASN A 421 9.99 -3.48 37.42
C ASN A 421 10.31 -4.97 37.55
N GLY A 422 11.56 -5.25 37.94
CA GLY A 422 12.02 -6.63 38.06
C GLY A 422 13.47 -6.79 37.61
N PRO A 423 14.04 -7.98 37.83
CA PRO A 423 15.45 -8.31 37.58
C PRO A 423 15.87 -8.30 36.11
N VAL A 424 17.17 -8.52 35.91
CA VAL A 424 17.81 -8.58 34.59
C VAL A 424 18.69 -9.83 34.58
N GLY A 425 18.47 -10.69 33.58
CA GLY A 425 19.23 -11.94 33.46
C GLY A 425 18.86 -12.80 32.27
N THR A 426 19.37 -14.03 32.25
CA THR A 426 19.13 -14.96 31.16
C THR A 426 18.24 -16.14 31.55
N VAL A 427 17.09 -16.24 30.90
CA VAL A 427 16.20 -17.38 31.06
C VAL A 427 16.50 -18.33 29.91
N GLN A 428 16.56 -19.63 30.19
CA GLN A 428 16.95 -20.60 29.18
C GLN A 428 15.82 -21.56 28.81
N LEU A 429 15.63 -21.77 27.50
CA LEU A 429 14.60 -22.66 26.97
C LEU A 429 15.15 -23.55 25.85
N ALA A 430 14.53 -24.71 25.65
CA ALA A 430 14.93 -25.64 24.59
C ALA A 430 14.06 -25.50 23.35
N PHE A 431 14.69 -25.47 22.18
CA PHE A 431 13.97 -25.34 20.91
C PHE A 431 13.97 -26.65 20.13
N ILE A 432 12.79 -27.01 19.61
CA ILE A 432 12.64 -28.22 18.80
C ILE A 432 12.34 -27.82 17.36
N LYS A 433 13.31 -28.02 16.49
CA LYS A 433 13.20 -27.63 15.07
C LYS A 433 12.06 -28.32 14.33
N GLU A 434 11.85 -29.60 14.64
CA GLU A 434 10.83 -30.43 13.98
C GLU A 434 9.40 -29.95 14.17
N TYR A 435 9.12 -29.35 15.32
CA TYR A 435 7.77 -28.86 15.63
C TYR A 435 7.71 -27.33 15.71
N ASN A 436 8.87 -26.68 15.62
CA ASN A 436 8.99 -25.23 15.72
C ASN A 436 8.49 -24.73 17.08
N LYS A 437 8.92 -25.41 18.15
CA LYS A 437 8.48 -25.11 19.51
C LYS A 437 9.59 -24.79 20.49
N PHE A 438 9.23 -24.00 21.50
CA PHE A 438 10.08 -23.72 22.63
C PHE A 438 9.44 -24.41 23.84
N VAL A 439 10.23 -25.23 24.53
CA VAL A 439 9.74 -25.97 25.69
C VAL A 439 10.54 -25.56 26.91
N ASN A 440 10.02 -25.88 28.10
CA ASN A 440 10.70 -25.59 29.36
C ASN A 440 12.01 -26.37 29.54
N LEU A 441 12.57 -26.32 30.74
CA LEU A 441 13.85 -26.95 31.02
C LEU A 441 13.90 -27.45 32.46
N ARG B 8 -14.87 33.08 8.39
CA ARG B 8 -14.75 33.08 9.87
C ARG B 8 -16.08 32.78 10.57
N ILE B 9 -16.06 32.42 11.86
CA ILE B 9 -14.83 32.28 12.63
C ILE B 9 -14.30 30.84 12.55
N PRO B 10 -12.97 30.66 12.61
CA PRO B 10 -12.42 29.32 12.45
C PRO B 10 -12.87 28.37 13.56
N PRO B 11 -13.23 27.12 13.21
CA PRO B 11 -13.64 26.11 14.19
C PRO B 11 -12.64 26.07 15.35
N GLN B 12 -13.15 26.25 16.56
CA GLN B 12 -12.32 26.32 17.76
C GLN B 12 -13.11 25.99 19.01
N SER B 13 -12.38 25.75 20.09
CA SER B 13 -12.98 25.50 21.39
C SER B 13 -12.01 25.96 22.47
N ILE B 14 -12.07 27.25 22.79
CA ILE B 14 -11.21 27.84 23.81
C ILE B 14 -11.48 27.18 25.15
N GLU B 15 -12.76 26.95 25.46
CA GLU B 15 -13.16 26.28 26.69
C GLU B 15 -12.48 24.93 26.86
N ALA B 16 -12.45 24.12 25.78
CA ALA B 16 -11.82 22.80 25.82
C ALA B 16 -10.29 22.91 25.89
N GLU B 17 -9.74 23.91 25.22
CA GLU B 17 -8.30 24.15 25.27
C GLU B 17 -7.91 24.48 26.70
N GLN B 18 -8.69 25.36 27.31
CA GLN B 18 -8.45 25.76 28.69
C GLN B 18 -8.56 24.59 29.67
N ALA B 19 -9.51 23.70 29.44
CA ALA B 19 -9.69 22.53 30.30
C ALA B 19 -8.53 21.54 30.20
N VAL B 20 -7.96 21.38 29.00
CA VAL B 20 -6.82 20.48 28.79
C VAL B 20 -5.59 20.94 29.58
N LEU B 21 -5.25 22.23 29.41
CA LEU B 21 -4.11 22.81 30.10
C LEU B 21 -4.37 22.82 31.60
N GLY B 22 -5.59 23.21 31.99
CA GLY B 22 -5.98 23.18 33.40
C GLY B 22 -5.79 21.80 34.02
N ALA B 23 -6.30 20.78 33.33
CA ALA B 23 -6.19 19.40 33.80
C ALA B 23 -4.75 19.04 34.18
N VAL B 24 -3.79 19.42 33.33
CA VAL B 24 -2.38 19.13 33.58
C VAL B 24 -1.92 19.78 34.88
N PHE B 25 -2.34 21.02 35.13
CA PHE B 25 -2.00 21.71 36.37
C PHE B 25 -2.67 21.11 37.61
N LEU B 26 -3.80 20.41 37.44
CA LEU B 26 -4.48 19.72 38.55
C LEU B 26 -3.92 18.32 38.78
N ASP B 27 -3.68 17.59 37.69
CA ASP B 27 -3.09 16.26 37.76
C ASP B 27 -2.05 16.13 36.64
N PRO B 28 -0.76 16.06 37.01
CA PRO B 28 0.33 15.98 36.04
C PRO B 28 0.22 14.78 35.09
N ALA B 29 -0.49 13.74 35.53
CA ALA B 29 -0.72 12.54 34.72
C ALA B 29 -1.60 12.84 33.51
N ALA B 30 -2.30 13.96 33.53
CA ALA B 30 -3.18 14.35 32.43
C ALA B 30 -2.44 14.71 31.15
N LEU B 31 -1.15 15.03 31.27
CA LEU B 31 -0.34 15.41 30.11
C LEU B 31 -0.10 14.26 29.14
N VAL B 32 0.03 13.05 29.68
CA VAL B 32 0.23 11.85 28.85
C VAL B 32 -0.90 11.67 27.83
N PRO B 33 -2.17 11.58 28.29
CA PRO B 33 -3.29 11.49 27.33
C PRO B 33 -3.35 12.69 26.40
N ALA B 34 -3.06 13.89 26.90
CA ALA B 34 -3.15 15.10 26.09
C ALA B 34 -2.10 15.12 24.99
N SER B 35 -0.85 14.80 25.34
CA SER B 35 0.24 14.78 24.38
C SER B 35 0.07 13.70 23.31
N GLU B 36 -0.58 12.60 23.67
CA GLU B 36 -0.87 11.53 22.71
C GLU B 36 -1.81 12.04 21.63
N ILE B 37 -2.84 12.77 22.03
CA ILE B 37 -3.86 13.29 21.13
C ILE B 37 -3.47 14.62 20.45
N LEU B 38 -2.73 15.48 21.13
CA LEU B 38 -2.44 16.82 20.63
C LEU B 38 -0.96 17.19 20.54
N ILE B 39 -0.66 18.09 19.61
CA ILE B 39 0.65 18.75 19.53
C ILE B 39 0.35 20.25 19.76
N PRO B 40 1.35 21.04 20.19
CA PRO B 40 1.07 22.45 20.48
C PRO B 40 0.29 23.20 19.42
N GLU B 41 0.57 22.92 18.14
CA GLU B 41 -0.07 23.63 17.01
C GLU B 41 -1.57 23.40 16.86
N ASP B 42 -2.11 22.37 17.51
CA ASP B 42 -3.54 22.09 17.46
C ASP B 42 -4.34 23.14 18.22
N PHE B 43 -3.67 23.80 19.17
CA PHE B 43 -4.29 24.87 19.94
C PHE B 43 -4.46 26.09 19.06
N TYR B 44 -5.67 26.64 19.03
CA TYR B 44 -5.94 27.79 18.19
C TYR B 44 -5.30 29.07 18.74
N ARG B 45 -5.38 29.24 20.05
CA ARG B 45 -4.83 30.42 20.72
C ARG B 45 -3.32 30.27 20.86
N ALA B 46 -2.58 31.29 20.44
CA ALA B 46 -1.11 31.26 20.51
C ALA B 46 -0.57 30.98 21.92
N ALA B 47 -1.20 31.58 22.93
CA ALA B 47 -0.77 31.41 24.31
C ALA B 47 -0.82 29.95 24.73
N HIS B 48 -1.87 29.26 24.29
CA HIS B 48 -2.03 27.84 24.61
C HIS B 48 -0.98 26.97 23.92
N GLN B 49 -0.54 27.38 22.74
CA GLN B 49 0.53 26.67 22.04
C GLN B 49 1.78 26.80 22.88
N LYS B 50 2.15 28.04 23.21
CA LYS B 50 3.33 28.30 24.02
C LYS B 50 3.31 27.54 25.35
N ILE B 51 2.15 27.51 26.00
CA ILE B 51 1.98 26.83 27.28
C ILE B 51 2.15 25.31 27.11
N PHE B 52 1.44 24.73 26.15
CA PHE B 52 1.53 23.29 25.92
C PHE B 52 2.96 22.90 25.56
N HIS B 53 3.62 23.74 24.77
CA HIS B 53 5.01 23.51 24.39
C HIS B 53 5.96 23.54 25.60
N ALA B 54 5.70 24.44 26.55
CA ALA B 54 6.50 24.54 27.78
C ALA B 54 6.34 23.26 28.61
N MET B 55 5.09 22.78 28.71
CA MET B 55 4.78 21.55 29.42
C MET B 55 5.57 20.37 28.85
N LEU B 56 5.45 20.17 27.53
CA LEU B 56 6.18 19.12 26.83
C LEU B 56 7.70 19.18 27.04
N ARG B 57 8.27 20.38 27.01
CA ARG B 57 9.71 20.55 27.25
C ARG B 57 10.10 20.09 28.65
N VAL B 58 9.36 20.57 29.66
CA VAL B 58 9.61 20.18 31.04
C VAL B 58 9.49 18.66 31.16
N ALA B 59 8.45 18.09 30.56
CA ALA B 59 8.21 16.65 30.61
C ALA B 59 9.34 15.83 29.99
N ASP B 60 9.88 16.29 28.85
CA ASP B 60 10.95 15.57 28.15
C ASP B 60 12.23 15.54 28.95
N ARG B 61 12.36 16.49 29.87
CA ARG B 61 13.52 16.55 30.75
C ARG B 61 13.36 15.62 31.95
N GLY B 62 12.18 15.02 32.08
CA GLY B 62 11.88 14.10 33.17
C GLY B 62 11.66 14.85 34.47
N GLU B 63 11.26 16.11 34.33
CA GLU B 63 11.03 16.98 35.47
C GLU B 63 9.54 17.09 35.72
N PRO B 64 9.13 17.33 36.97
CA PRO B 64 7.70 17.37 37.25
C PRO B 64 7.04 18.57 36.59
N VAL B 65 5.92 18.31 35.90
CA VAL B 65 5.16 19.34 35.22
C VAL B 65 4.04 19.84 36.15
N ASP B 66 4.24 21.03 36.69
CA ASP B 66 3.22 21.69 37.50
C ASP B 66 3.28 23.19 37.26
N LEU B 67 2.48 23.95 37.99
CA LEU B 67 2.39 25.38 37.79
C LEU B 67 3.71 26.13 37.96
N VAL B 68 4.56 25.64 38.86
CA VAL B 68 5.83 26.30 39.11
C VAL B 68 6.84 26.07 37.99
N THR B 69 7.02 24.83 37.57
CA THR B 69 7.99 24.51 36.51
C THR B 69 7.57 25.07 35.15
N VAL B 70 6.28 25.08 34.87
CA VAL B 70 5.79 25.68 33.63
C VAL B 70 6.00 27.20 33.67
N THR B 71 5.73 27.82 34.83
CA THR B 71 5.98 29.26 34.99
C THR B 71 7.45 29.59 34.74
N ALA B 72 8.33 28.77 35.30
CA ALA B 72 9.79 28.91 35.16
C ALA B 72 10.22 28.77 33.70
N GLU B 73 9.67 27.75 33.05
CA GLU B 73 9.97 27.45 31.65
C GLU B 73 9.61 28.61 30.72
N LEU B 74 8.42 29.15 30.92
CA LEU B 74 7.94 30.28 30.12
C LEU B 74 8.71 31.57 30.46
N ALA B 75 9.14 31.72 31.70
CA ALA B 75 9.91 32.88 32.10
C ALA B 75 11.25 32.90 31.37
N ALA B 76 11.90 31.73 31.31
CA ALA B 76 13.19 31.57 30.65
C ALA B 76 13.11 31.71 29.12
N SER B 77 11.96 31.34 28.54
CA SER B 77 11.76 31.50 27.10
C SER B 77 11.11 32.84 26.78
N GLU B 78 11.04 33.70 27.80
CA GLU B 78 10.49 35.07 27.69
C GLU B 78 9.06 35.08 27.15
N GLN B 79 8.23 34.19 27.68
CA GLN B 79 6.86 34.04 27.19
C GLN B 79 5.74 34.17 28.24
N LEU B 80 6.12 34.28 29.51
CA LEU B 80 5.16 34.46 30.61
C LEU B 80 4.12 35.58 30.44
N GLU B 81 4.58 36.82 30.29
CA GLU B 81 3.67 37.96 30.15
C GLU B 81 2.81 37.81 28.92
N GLU B 82 3.47 37.35 27.86
CA GLU B 82 2.87 37.13 26.54
C GLU B 82 1.69 36.15 26.62
N ILE B 83 1.77 35.18 27.52
CA ILE B 83 0.68 34.22 27.70
C ILE B 83 -0.28 34.59 28.83
N GLY B 84 -0.05 35.76 29.45
CA GLY B 84 -0.92 36.24 30.53
C GLY B 84 -0.43 36.04 31.97
N GLY B 85 0.81 35.64 32.14
CA GLY B 85 1.40 35.49 33.47
C GLY B 85 0.96 34.24 34.21
N VAL B 86 1.39 34.11 35.47
CA VAL B 86 0.99 32.96 36.28
C VAL B 86 -0.51 33.07 36.59
N SER B 87 -0.99 34.31 36.55
CA SER B 87 -2.38 34.62 36.82
C SER B 87 -3.26 33.93 35.79
N TYR B 88 -2.79 33.87 34.55
CA TYR B 88 -3.53 33.16 33.51
C TYR B 88 -3.47 31.66 33.72
N LEU B 89 -2.33 31.19 34.20
CA LEU B 89 -2.14 29.76 34.48
C LEU B 89 -3.09 29.30 35.61
N SER B 90 -3.39 30.22 36.53
CA SER B 90 -4.36 29.98 37.59
C SER B 90 -5.75 29.81 37.03
N GLU B 91 -6.11 30.68 36.08
CA GLU B 91 -7.43 30.63 35.45
C GLU B 91 -7.64 29.30 34.75
N LEU B 92 -6.58 28.81 34.09
CA LEU B 92 -6.65 27.54 33.37
C LEU B 92 -7.01 26.45 34.36
N ALA B 93 -6.32 26.44 35.50
CA ALA B 93 -6.59 25.50 36.59
C ALA B 93 -8.03 25.59 37.11
N ASP B 94 -8.66 26.76 36.97
CA ASP B 94 -10.06 26.92 37.39
C ASP B 94 -11.04 26.59 36.26
N ALA B 95 -10.51 26.37 35.06
CA ALA B 95 -11.32 26.17 33.87
C ALA B 95 -11.61 24.71 33.54
N VAL B 96 -11.18 23.81 34.40
CA VAL B 96 -11.37 22.37 34.15
C VAL B 96 -12.44 21.76 35.07
N PRO B 97 -13.54 21.29 34.48
CA PRO B 97 -14.58 20.67 35.30
C PRO B 97 -14.08 19.43 36.05
N THR B 98 -13.42 18.50 35.35
CA THR B 98 -12.81 17.32 35.99
C THR B 98 -11.56 16.89 35.20
N ALA B 99 -10.43 16.81 35.89
CA ALA B 99 -9.17 16.45 35.25
C ALA B 99 -9.20 15.10 34.55
N ALA B 100 -9.96 14.15 35.10
CA ALA B 100 -10.09 12.82 34.53
C ALA B 100 -10.72 12.83 33.11
N ASN B 101 -11.48 13.87 32.78
CA ASN B 101 -12.10 13.96 31.46
C ASN B 101 -11.20 14.58 30.37
N VAL B 102 -9.91 14.71 30.68
CA VAL B 102 -8.91 15.34 29.78
C VAL B 102 -8.86 14.82 28.34
N GLU B 103 -9.12 13.51 28.15
CA GLU B 103 -9.11 12.94 26.81
C GLU B 103 -10.23 13.49 25.94
N TYR B 104 -11.40 13.67 26.57
CA TYR B 104 -12.57 14.19 25.88
C TYR B 104 -12.36 15.66 25.54
N TYR B 105 -11.79 16.41 26.46
CA TYR B 105 -11.45 17.80 26.23
C TYR B 105 -10.45 17.87 25.09
N ALA B 106 -9.45 16.98 25.14
CA ALA B 106 -8.40 16.88 24.13
C ALA B 106 -8.96 16.58 22.74
N ARG B 107 -9.88 15.63 22.67
CA ARG B 107 -10.46 15.26 21.38
C ARG B 107 -11.23 16.39 20.73
N ILE B 108 -11.89 17.22 21.56
CA ILE B 108 -12.61 18.39 21.06
C ILE B 108 -11.62 19.38 20.42
N VAL B 109 -10.50 19.61 21.09
CA VAL B 109 -9.45 20.49 20.57
C VAL B 109 -8.93 19.93 19.25
N GLU B 110 -8.65 18.63 19.22
CA GLU B 110 -8.14 17.97 18.02
C GLU B 110 -9.13 18.07 16.87
N GLU B 111 -10.39 17.75 17.15
CA GLU B 111 -11.47 17.80 16.15
C GLU B 111 -11.50 19.16 15.46
N LYS B 112 -11.39 20.23 16.25
CA LYS B 112 -11.43 21.57 15.69
C LYS B 112 -10.13 21.98 14.98
N SER B 113 -9.05 21.27 15.25
CA SER B 113 -7.78 21.47 14.56
C SER B 113 -7.84 20.85 13.17
N VAL B 114 -8.37 19.63 13.11
CA VAL B 114 -8.54 18.90 11.86
C VAL B 114 -9.44 19.67 10.90
N LEU B 115 -10.54 20.22 11.42
CA LEU B 115 -11.45 21.04 10.64
C LEU B 115 -10.74 22.25 10.03
N ARG B 116 -9.88 22.90 10.81
CA ARG B 116 -9.14 24.05 10.32
C ARG B 116 -8.20 23.65 9.20
N ARG B 117 -7.59 22.46 9.32
CA ARG B 117 -6.70 21.95 8.28
C ARG B 117 -7.49 21.63 7.00
N LEU B 118 -8.70 21.10 7.17
CA LEU B 118 -9.56 20.80 6.04
C LEU B 118 -9.89 22.08 5.28
N ILE B 119 -10.31 23.09 6.03
CA ILE B 119 -10.64 24.41 5.50
C ILE B 119 -9.43 25.05 4.81
N ARG B 120 -8.26 24.91 5.43
CA ARG B 120 -7.05 25.51 4.88
C ARG B 120 -6.65 24.85 3.56
N THR B 121 -6.65 23.52 3.51
CA THR B 121 -6.23 22.80 2.30
C THR B 121 -7.26 22.95 1.18
N ALA B 122 -8.54 22.96 1.54
CA ALA B 122 -9.62 23.15 0.57
C ALA B 122 -9.52 24.53 -0.08
N THR B 123 -9.34 25.56 0.75
CA THR B 123 -9.14 26.94 0.26
C THR B 123 -7.92 27.00 -0.67
N SER B 124 -6.84 26.37 -0.22
CA SER B 124 -5.59 26.31 -0.98
C SER B 124 -5.79 25.70 -2.36
N ILE B 125 -6.59 24.63 -2.42
CA ILE B 125 -6.91 23.99 -3.69
C ILE B 125 -7.73 24.94 -4.57
N ALA B 126 -8.76 25.56 -3.98
CA ALA B 126 -9.59 26.51 -4.70
C ALA B 126 -8.76 27.63 -5.31
N GLN B 127 -7.85 28.20 -4.53
CA GLN B 127 -6.98 29.28 -5.00
C GLN B 127 -6.06 28.84 -6.15
N ASP B 128 -5.43 27.68 -6.01
CA ASP B 128 -4.58 27.12 -7.07
C ASP B 128 -5.35 26.93 -8.37
N GLY B 129 -6.66 26.70 -8.26
CA GLY B 129 -7.54 26.58 -9.42
C GLY B 129 -7.57 27.82 -10.28
N TYR B 130 -7.52 28.99 -9.65
CA TYR B 130 -7.49 30.27 -10.38
C TYR B 130 -6.08 30.62 -10.86
N THR B 131 -5.08 30.34 -10.02
CA THR B 131 -3.68 30.67 -10.31
C THR B 131 -3.08 29.79 -11.42
N ARG B 132 -2.39 28.72 -11.04
CA ARG B 132 -1.82 27.76 -12.00
C ARG B 132 -2.92 27.16 -12.86
N GLU B 133 -2.73 27.18 -14.19
CA GLU B 133 -3.84 26.86 -15.10
C GLU B 133 -3.60 26.27 -16.53
N ASP B 134 -2.39 25.93 -17.02
CA ASP B 134 -1.05 25.99 -16.40
C ASP B 134 -0.73 24.71 -15.59
N GLU B 135 -1.04 23.54 -16.20
CA GLU B 135 -0.79 22.18 -15.66
C GLU B 135 -2.03 21.25 -15.62
N ILE B 136 -2.85 21.44 -14.58
CA ILE B 136 -4.09 20.66 -14.29
C ILE B 136 -3.95 19.18 -13.86
N ASP B 137 -3.23 18.37 -14.64
CA ASP B 137 -3.04 16.95 -14.31
C ASP B 137 -2.30 16.79 -12.98
N VAL B 138 -1.33 17.67 -12.76
CA VAL B 138 -0.59 17.72 -11.51
C VAL B 138 -1.50 18.27 -10.41
N LEU B 139 -2.25 19.33 -10.74
CA LEU B 139 -3.20 19.95 -9.82
C LEU B 139 -4.20 18.99 -9.19
N LEU B 140 -4.82 18.15 -10.03
CA LEU B 140 -5.81 17.18 -9.56
C LEU B 140 -5.17 16.11 -8.68
N ASP B 141 -3.97 15.66 -9.08
CA ASP B 141 -3.23 14.66 -8.32
C ASP B 141 -2.81 15.16 -6.95
N GLU B 142 -2.30 16.39 -6.87
CA GLU B 142 -1.93 16.95 -5.56
C GLU B 142 -3.17 17.34 -4.74
N ALA B 143 -4.29 17.60 -5.42
CA ALA B 143 -5.55 17.85 -4.75
C ALA B 143 -6.02 16.56 -4.11
N ASP B 144 -5.86 15.45 -4.84
CA ASP B 144 -6.13 14.11 -4.32
C ASP B 144 -5.25 13.91 -3.08
N ARG B 145 -3.95 14.09 -3.28
CA ARG B 145 -2.93 13.90 -2.24
C ARG B 145 -3.16 14.72 -0.98
N LYS B 146 -3.40 16.02 -1.14
CA LYS B 146 -3.56 16.94 -0.01
C LYS B 146 -4.80 16.68 0.86
N ILE B 147 -5.91 16.29 0.23
CA ILE B 147 -7.14 16.02 0.97
C ILE B 147 -7.02 14.76 1.85
N MET B 148 -6.38 13.73 1.31
CA MET B 148 -6.15 12.48 2.06
C MET B 148 -5.31 12.73 3.31
N GLU B 149 -4.30 13.60 3.17
CA GLU B 149 -3.40 13.95 4.28
C GLU B 149 -4.09 14.56 5.49
N VAL B 150 -5.24 15.17 5.27
CA VAL B 150 -6.00 15.81 6.35
C VAL B 150 -6.58 14.76 7.28
N SER B 151 -6.74 13.52 6.66
CA SER B 151 -7.29 12.42 7.46
C SER B 151 -6.19 11.72 8.26
N GLY B 185 -3.77 -24.19 -9.61
CA GLY B 185 -3.53 -22.79 -9.99
C GLY B 185 -3.78 -22.55 -11.47
N ILE B 186 -2.99 -21.63 -12.04
CA ILE B 186 -3.09 -21.31 -13.46
C ILE B 186 -2.16 -22.24 -14.26
N PRO B 187 -2.75 -23.07 -15.15
CA PRO B 187 -1.97 -23.98 -15.99
C PRO B 187 -0.99 -23.22 -16.88
N THR B 188 0.24 -23.74 -16.95
CA THR B 188 1.33 -23.08 -17.67
C THR B 188 1.39 -23.48 -19.14
N GLY B 189 0.87 -24.67 -19.46
CA GLY B 189 0.91 -25.19 -20.81
C GLY B 189 2.04 -26.20 -20.95
N PHE B 190 2.94 -26.20 -19.97
CA PHE B 190 4.06 -27.14 -19.93
C PHE B 190 3.76 -28.22 -18.89
N THR B 191 3.16 -29.31 -19.34
CA THR B 191 2.70 -30.40 -18.47
C THR B 191 3.65 -30.77 -17.33
N GLU B 192 4.95 -30.76 -17.60
CA GLU B 192 5.94 -31.18 -16.61
C GLU B 192 6.18 -30.12 -15.53
N LEU B 193 6.04 -28.84 -15.91
CA LEU B 193 6.15 -27.72 -14.97
C LEU B 193 4.88 -27.64 -14.11
N ASP B 194 3.75 -28.03 -14.70
CA ASP B 194 2.46 -28.05 -14.00
C ASP B 194 2.41 -29.12 -12.92
N ARG B 195 3.13 -30.23 -13.13
CA ARG B 195 3.25 -31.29 -12.13
C ARG B 195 3.81 -30.78 -10.81
N MET B 196 4.92 -30.06 -10.88
CA MET B 196 5.62 -29.57 -9.69
C MET B 196 4.96 -28.38 -9.02
N THR B 197 4.55 -27.41 -9.82
CA THR B 197 3.96 -26.18 -9.31
C THR B 197 2.48 -26.33 -9.01
N SER B 198 1.70 -26.77 -10.00
CA SER B 198 0.26 -27.08 -9.87
C SER B 198 -0.81 -26.00 -10.19
N GLY B 199 -0.53 -24.96 -10.97
CA GLY B 199 0.76 -24.61 -11.52
C GLY B 199 1.13 -23.34 -10.79
N PHE B 200 1.11 -22.21 -11.50
CA PHE B 200 1.37 -20.92 -10.87
C PHE B 200 0.08 -20.42 -10.21
N GLN B 201 0.16 -20.19 -8.90
CA GLN B 201 -1.04 -19.90 -8.11
C GLN B 201 -1.22 -18.45 -7.69
N ARG B 202 -2.47 -18.09 -7.40
CA ARG B 202 -2.85 -16.74 -6.99
C ARG B 202 -2.09 -16.29 -5.74
N SER B 203 -1.65 -15.03 -5.77
CA SER B 203 -0.92 -14.39 -4.66
C SER B 203 0.58 -14.74 -4.57
N ASP B 204 1.03 -15.66 -5.43
CA ASP B 204 2.44 -16.04 -5.43
C ASP B 204 3.33 -15.12 -6.27
N LEU B 205 4.52 -14.83 -5.74
CA LEU B 205 5.53 -14.09 -6.48
C LEU B 205 6.52 -15.07 -7.06
N ILE B 206 6.49 -15.19 -8.39
CA ILE B 206 7.33 -16.15 -9.09
C ILE B 206 8.46 -15.39 -9.77
N ILE B 207 9.68 -15.82 -9.50
CA ILE B 207 10.86 -15.18 -10.05
C ILE B 207 11.63 -16.12 -10.96
N VAL B 208 11.77 -15.73 -12.22
CA VAL B 208 12.47 -16.52 -13.23
C VAL B 208 13.77 -15.81 -13.62
N ALA B 209 14.86 -16.27 -13.05
CA ALA B 209 16.18 -15.69 -13.29
C ALA B 209 16.98 -16.50 -14.31
N ALA B 210 17.71 -15.80 -15.17
CA ALA B 210 18.55 -16.43 -16.19
C ALA B 210 19.59 -15.46 -16.75
N ARG B 211 20.76 -16.00 -17.09
CA ARG B 211 21.83 -15.22 -17.72
C ARG B 211 21.38 -14.76 -19.11
N PRO B 212 21.96 -13.67 -19.63
CA PRO B 212 21.58 -13.22 -20.97
C PRO B 212 21.81 -14.28 -22.05
N SER B 213 20.87 -14.38 -22.99
CA SER B 213 20.90 -15.35 -24.12
C SER B 213 20.35 -16.74 -23.80
N VAL B 214 20.01 -17.00 -22.53
CA VAL B 214 19.49 -18.30 -22.10
C VAL B 214 18.06 -18.51 -22.60
N GLY B 215 17.26 -17.45 -22.59
CA GLY B 215 15.91 -17.51 -23.11
C GLY B 215 14.80 -17.32 -22.10
N LYS B 216 15.01 -16.43 -21.13
CA LYS B 216 14.03 -16.18 -20.08
C LYS B 216 12.82 -15.40 -20.60
N THR B 217 13.06 -14.46 -21.51
CA THR B 217 12.00 -13.65 -22.12
C THR B 217 11.08 -14.53 -22.96
N ALA B 218 11.67 -15.41 -23.76
CA ALA B 218 10.91 -16.34 -24.58
C ALA B 218 10.08 -17.27 -23.70
N PHE B 219 10.67 -17.71 -22.58
CA PHE B 219 10.01 -18.59 -21.61
C PHE B 219 8.77 -17.92 -21.02
N ALA B 220 8.94 -16.69 -20.54
CA ALA B 220 7.84 -15.92 -19.95
C ALA B 220 6.72 -15.64 -20.95
N LEU B 221 7.10 -15.35 -22.20
CA LEU B 221 6.14 -15.09 -23.28
C LEU B 221 5.34 -16.33 -23.66
N ASN B 222 5.99 -17.50 -23.64
CA ASN B 222 5.32 -18.76 -23.93
C ASN B 222 4.23 -19.05 -22.90
N ILE B 223 4.55 -18.83 -21.63
CA ILE B 223 3.61 -19.03 -20.53
C ILE B 223 2.44 -18.06 -20.67
N ALA B 224 2.77 -16.78 -20.88
CA ALA B 224 1.76 -15.72 -21.06
C ALA B 224 0.85 -16.02 -22.25
N GLN B 225 1.44 -16.58 -23.30
CA GLN B 225 0.72 -16.93 -24.52
C GLN B 225 -0.18 -18.15 -24.30
N ASN B 226 0.35 -19.17 -23.62
CA ASN B 226 -0.42 -20.38 -23.31
C ASN B 226 -1.63 -20.08 -22.44
N VAL B 227 -1.44 -19.24 -21.43
CA VAL B 227 -2.51 -18.86 -20.52
C VAL B 227 -3.63 -18.11 -21.26
N ALA B 228 -3.27 -17.07 -21.99
CA ALA B 228 -4.25 -16.24 -22.69
C ALA B 228 -5.02 -16.95 -23.81
N THR B 229 -4.31 -17.77 -24.60
CA THR B 229 -4.94 -18.49 -25.72
C THR B 229 -5.69 -19.76 -25.30
N LYS B 230 -5.14 -20.51 -24.34
CA LYS B 230 -5.77 -21.75 -23.88
C LYS B 230 -6.85 -21.53 -22.82
N THR B 231 -6.53 -20.82 -21.74
CA THR B 231 -7.51 -20.54 -20.69
C THR B 231 -8.20 -19.18 -20.90
N ASN B 232 -9.31 -18.95 -20.20
CA ASN B 232 -10.12 -17.75 -20.36
C ASN B 232 -9.65 -16.56 -19.50
N GLU B 233 -8.37 -16.59 -19.10
CA GLU B 233 -7.81 -15.59 -18.21
C GLU B 233 -7.04 -14.50 -18.96
N ASN B 234 -6.95 -13.31 -18.35
CA ASN B 234 -6.19 -12.19 -18.93
C ASN B 234 -4.79 -12.06 -18.37
N VAL B 235 -3.83 -11.80 -19.25
CA VAL B 235 -2.43 -11.67 -18.86
C VAL B 235 -1.94 -10.25 -19.09
N ALA B 236 -1.31 -9.67 -18.08
CA ALA B 236 -0.74 -8.32 -18.18
C ALA B 236 0.79 -8.43 -18.33
N ILE B 237 1.30 -7.96 -19.45
CA ILE B 237 2.73 -8.05 -19.74
C ILE B 237 3.39 -6.68 -19.74
N PHE B 238 4.45 -6.55 -18.94
CA PHE B 238 5.25 -5.34 -18.89
C PHE B 238 6.58 -5.64 -19.53
N SER B 239 6.84 -5.01 -20.67
CA SER B 239 8.10 -5.20 -21.37
C SER B 239 8.87 -3.88 -21.35
N LEU B 240 9.89 -3.82 -20.52
CA LEU B 240 10.64 -2.59 -20.30
C LEU B 240 11.82 -2.43 -21.28
N GLU B 241 12.36 -3.55 -21.74
CA GLU B 241 13.49 -3.54 -22.66
C GLU B 241 13.05 -3.72 -24.12
N MET B 242 11.93 -4.38 -24.31
CA MET B 242 11.43 -4.73 -25.64
C MET B 242 10.09 -4.04 -25.92
N SER B 243 9.92 -3.52 -27.14
CA SER B 243 8.70 -2.81 -27.52
C SER B 243 7.52 -3.77 -27.71
N ALA B 244 6.31 -3.22 -27.74
CA ALA B 244 5.08 -3.99 -27.86
C ALA B 244 4.95 -4.79 -29.17
N GLN B 245 5.34 -4.17 -30.28
CA GLN B 245 5.28 -4.83 -31.59
C GLN B 245 6.41 -5.84 -31.73
N GLN B 246 7.57 -5.52 -31.16
CA GLN B 246 8.74 -6.38 -31.19
C GLN B 246 8.49 -7.66 -30.39
N LEU B 247 7.59 -7.56 -29.42
CA LEU B 247 7.23 -8.67 -28.55
C LEU B 247 6.12 -9.51 -29.19
N VAL B 248 5.20 -8.86 -29.88
CA VAL B 248 4.12 -9.53 -30.61
C VAL B 248 4.68 -10.34 -31.79
N MET B 249 5.72 -9.79 -32.43
CA MET B 249 6.44 -10.47 -33.51
C MET B 249 6.95 -11.83 -33.05
N ARG B 250 7.41 -11.89 -31.81
CA ARG B 250 7.98 -13.12 -31.25
C ARG B 250 6.89 -14.13 -30.88
N MET B 251 5.73 -13.65 -30.42
CA MET B 251 4.63 -14.57 -30.10
C MET B 251 3.73 -14.90 -31.30
N LEU B 252 3.92 -14.18 -32.42
CA LEU B 252 3.26 -14.55 -33.67
C LEU B 252 4.02 -15.71 -34.29
N CYS B 253 5.36 -15.61 -34.27
CA CYS B 253 6.24 -16.68 -34.75
C CYS B 253 6.02 -17.94 -33.93
N ALA B 254 5.96 -17.78 -32.61
CA ALA B 254 5.73 -18.88 -31.70
C ALA B 254 4.37 -19.53 -31.94
N GLU B 255 3.35 -18.69 -32.13
CA GLU B 255 1.98 -19.15 -32.32
C GLU B 255 1.80 -20.06 -33.54
N GLY B 256 1.93 -19.48 -34.73
CA GLY B 256 1.67 -20.20 -35.97
C GLY B 256 2.83 -20.90 -36.65
N ASN B 257 3.96 -21.03 -35.94
CA ASN B 257 5.16 -21.68 -36.46
C ASN B 257 5.79 -20.99 -37.67
N ILE B 258 6.13 -19.72 -37.50
CA ILE B 258 6.75 -18.92 -38.55
C ILE B 258 8.21 -18.68 -38.18
N ASN B 259 9.11 -18.96 -39.12
CA ASN B 259 10.54 -18.77 -38.90
C ASN B 259 10.83 -17.31 -38.54
N ALA B 260 11.42 -17.11 -37.36
CA ALA B 260 11.69 -15.77 -36.83
C ALA B 260 12.53 -14.89 -37.75
N GLN B 261 13.66 -15.42 -38.21
CA GLN B 261 14.56 -14.70 -39.11
C GLN B 261 13.88 -14.39 -40.44
N ASN B 262 12.99 -15.29 -40.85
CA ASN B 262 12.19 -15.13 -42.06
C ASN B 262 11.39 -13.81 -42.04
N LEU B 263 10.80 -13.48 -40.89
CA LEU B 263 10.09 -12.21 -40.74
C LEU B 263 11.06 -11.04 -40.65
N ARG B 264 12.11 -11.21 -39.83
CA ARG B 264 13.14 -10.19 -39.62
C ARG B 264 13.75 -9.67 -40.92
N THR B 265 14.07 -10.60 -41.82
CA THR B 265 14.70 -10.28 -43.10
C THR B 265 13.69 -10.30 -44.26
N GLY B 266 12.47 -10.74 -43.95
CA GLY B 266 11.34 -10.82 -44.89
C GLY B 266 11.58 -10.55 -46.37
N LYS B 267 11.58 -11.56 -47.25
CA LYS B 267 11.34 -12.99 -46.97
C LYS B 267 9.94 -13.34 -46.46
N LEU B 268 9.50 -14.57 -46.76
CA LEU B 268 8.19 -15.15 -46.38
C LEU B 268 7.62 -16.02 -47.48
N THR B 269 7.46 -17.31 -47.18
CA THR B 269 6.86 -18.26 -48.10
C THR B 269 5.36 -17.96 -48.16
N PRO B 270 4.78 -17.91 -49.37
CA PRO B 270 3.35 -17.59 -49.53
C PRO B 270 2.40 -18.32 -48.58
N GLU B 271 2.78 -19.53 -48.15
CA GLU B 271 1.93 -20.33 -47.29
C GLU B 271 2.37 -20.20 -45.83
N ASP B 272 3.59 -19.69 -45.65
CA ASP B 272 4.12 -19.32 -44.36
C ASP B 272 3.43 -17.99 -44.02
N TRP B 273 2.90 -17.35 -45.05
CA TRP B 273 2.14 -16.11 -44.94
C TRP B 273 0.71 -16.40 -44.50
N GLY B 274 0.12 -17.46 -45.08
CA GLY B 274 -1.21 -17.90 -44.70
C GLY B 274 -1.19 -18.46 -43.29
N LYS B 275 0.01 -18.84 -42.86
CA LYS B 275 0.28 -19.35 -41.53
C LYS B 275 0.18 -18.21 -40.53
N LEU B 276 0.47 -17.00 -41.01
CA LEU B 276 0.44 -15.78 -40.22
C LEU B 276 -0.98 -15.30 -39.93
N THR B 277 -1.88 -15.47 -40.90
CA THR B 277 -3.27 -15.05 -40.76
C THR B 277 -4.02 -15.88 -39.72
N MET B 278 -3.67 -17.17 -39.62
CA MET B 278 -4.27 -18.07 -38.65
C MET B 278 -3.72 -17.76 -37.26
N ALA B 279 -2.44 -17.37 -37.22
CA ALA B 279 -1.78 -16.98 -35.98
C ALA B 279 -2.45 -15.74 -35.41
N MET B 280 -2.71 -14.76 -36.27
CA MET B 280 -3.37 -13.53 -35.88
C MET B 280 -4.80 -13.76 -35.41
N GLY B 281 -5.55 -14.54 -36.19
CA GLY B 281 -6.95 -14.85 -35.88
C GLY B 281 -7.10 -15.44 -34.49
N SER B 282 -6.29 -16.45 -34.19
CA SER B 282 -6.32 -17.12 -32.90
C SER B 282 -5.74 -16.26 -31.78
N LEU B 283 -4.81 -15.38 -32.13
CA LEU B 283 -4.14 -14.54 -31.15
C LEU B 283 -4.93 -13.27 -30.82
N SER B 284 -5.90 -12.93 -31.68
CA SER B 284 -6.76 -11.77 -31.48
C SER B 284 -7.79 -12.00 -30.39
N ASN B 285 -8.21 -13.26 -30.22
CA ASN B 285 -9.20 -13.63 -29.21
C ASN B 285 -8.62 -13.67 -27.80
N ALA B 286 -7.30 -13.74 -27.71
CA ALA B 286 -6.60 -13.80 -26.43
C ALA B 286 -6.64 -12.46 -25.69
N GLY B 287 -6.71 -12.54 -24.37
CA GLY B 287 -6.72 -11.34 -23.53
C GLY B 287 -5.31 -10.97 -23.11
N ILE B 288 -4.54 -10.45 -24.06
CA ILE B 288 -3.17 -10.02 -23.81
C ILE B 288 -3.04 -8.49 -23.82
N TYR B 289 -2.66 -7.96 -22.66
CA TYR B 289 -2.50 -6.52 -22.46
C TYR B 289 -1.02 -6.22 -22.23
N ILE B 290 -0.44 -5.42 -23.13
CA ILE B 290 0.98 -5.11 -23.06
C ILE B 290 1.25 -3.64 -22.78
N ASP B 291 2.20 -3.40 -21.89
CA ASP B 291 2.67 -2.07 -21.55
C ASP B 291 4.19 -2.05 -21.80
N ASP B 292 4.61 -1.35 -22.85
CA ASP B 292 6.04 -1.32 -23.20
C ASP B 292 6.74 -0.03 -22.79
N THR B 293 6.42 0.43 -21.58
CA THR B 293 7.03 1.63 -21.01
C THR B 293 8.46 1.32 -20.55
N PRO B 294 9.45 1.99 -21.15
CA PRO B 294 10.89 1.84 -20.93
C PRO B 294 11.35 1.52 -19.50
N SER B 295 10.97 2.35 -18.52
CA SER B 295 11.37 2.09 -17.13
C SER B 295 10.36 2.62 -16.09
N ILE B 296 9.31 1.84 -15.86
CA ILE B 296 8.24 2.20 -14.95
C ILE B 296 8.64 2.02 -13.49
N ARG B 297 7.87 2.66 -12.60
CA ARG B 297 8.02 2.46 -11.17
C ARG B 297 6.98 1.40 -10.80
N VAL B 298 7.08 0.83 -9.61
CA VAL B 298 6.14 -0.23 -9.22
C VAL B 298 4.72 0.30 -9.01
N SER B 299 4.63 1.57 -8.61
CA SER B 299 3.33 2.19 -8.35
C SER B 299 2.51 2.30 -9.64
N ASP B 300 3.17 2.60 -10.75
CA ASP B 300 2.51 2.68 -12.07
C ASP B 300 2.03 1.29 -12.50
N ILE B 301 2.90 0.29 -12.32
CA ILE B 301 2.54 -1.10 -12.60
C ILE B 301 1.30 -1.47 -11.79
N ARG B 302 1.38 -1.24 -10.49
CA ARG B 302 0.29 -1.54 -9.57
C ARG B 302 -1.04 -0.89 -9.94
N ALA B 303 -1.00 0.41 -10.23
CA ALA B 303 -2.21 1.17 -10.58
C ALA B 303 -2.87 0.66 -11.85
N LYS B 304 -2.06 0.31 -12.86
CA LYS B 304 -2.58 -0.17 -14.13
C LYS B 304 -3.22 -1.54 -14.00
N CYS B 305 -2.56 -2.44 -13.28
CA CYS B 305 -3.09 -3.78 -13.02
C CYS B 305 -4.36 -3.70 -12.18
N ARG B 306 -4.36 -2.74 -11.25
CA ARG B 306 -5.48 -2.48 -10.34
C ARG B 306 -6.74 -2.18 -11.14
N ARG B 307 -6.63 -1.23 -12.07
CA ARG B 307 -7.74 -0.82 -12.92
C ARG B 307 -8.18 -1.95 -13.84
N LEU B 308 -7.22 -2.70 -14.38
CA LEU B 308 -7.47 -3.79 -15.31
C LEU B 308 -8.32 -4.91 -14.70
N LYS B 309 -7.95 -5.36 -13.49
CA LYS B 309 -8.65 -6.47 -12.85
C LYS B 309 -10.13 -6.19 -12.59
N GLN B 310 -10.42 -4.95 -12.19
CA GLN B 310 -11.78 -4.55 -11.84
C GLN B 310 -12.57 -4.04 -13.05
N GLU B 311 -11.91 -4.03 -14.21
CA GLU B 311 -12.52 -3.55 -15.46
C GLU B 311 -12.76 -4.68 -16.45
N SER B 312 -11.82 -5.61 -16.54
CA SER B 312 -11.92 -6.74 -17.48
C SER B 312 -11.65 -8.08 -16.81
N GLY B 313 -10.92 -8.05 -15.69
CA GLY B 313 -10.52 -9.25 -14.97
C GLY B 313 -9.08 -9.57 -15.28
N LEU B 314 -8.29 -9.91 -14.24
CA LEU B 314 -6.87 -10.20 -14.42
C LEU B 314 -6.49 -11.57 -13.85
N GLY B 315 -5.62 -12.28 -14.55
CA GLY B 315 -5.17 -13.61 -14.14
C GLY B 315 -3.67 -13.78 -13.90
N MET B 316 -2.85 -13.11 -14.72
CA MET B 316 -1.39 -13.13 -14.56
C MET B 316 -0.76 -11.79 -14.81
N ILE B 317 0.40 -11.58 -14.18
CA ILE B 317 1.23 -10.41 -14.43
C ILE B 317 2.63 -10.93 -14.76
N VAL B 318 3.15 -10.52 -15.91
CA VAL B 318 4.49 -10.88 -16.33
C VAL B 318 5.28 -9.60 -16.53
N ILE B 319 6.45 -9.50 -15.89
CA ILE B 319 7.29 -8.31 -16.00
C ILE B 319 8.66 -8.67 -16.58
N ASP B 320 8.97 -8.12 -17.77
CA ASP B 320 10.25 -8.41 -18.44
C ASP B 320 11.41 -7.70 -17.75
N TYR B 321 12.05 -8.51 -16.92
CA TYR B 321 13.14 -8.20 -15.98
C TYR B 321 13.12 -7.01 -15.02
N LEU B 322 13.29 -7.40 -13.76
CA LEU B 322 13.16 -6.59 -12.56
C LEU B 322 14.21 -5.48 -12.40
N GLN B 323 15.43 -5.75 -12.86
CA GLN B 323 16.54 -4.81 -12.69
C GLN B 323 16.33 -3.52 -13.49
N LEU B 324 15.32 -3.50 -14.35
CA LEU B 324 14.99 -2.32 -15.16
C LEU B 324 13.94 -1.43 -14.53
N ILE B 325 13.17 -1.99 -13.60
CA ILE B 325 12.18 -1.22 -12.85
C ILE B 325 12.94 -0.19 -12.03
N GLN B 326 12.58 1.07 -12.15
CA GLN B 326 13.24 2.10 -11.38
C GLN B 326 12.50 2.35 -10.06
N GLY B 327 13.26 2.77 -9.05
CA GLY B 327 12.70 3.01 -7.72
C GLY B 327 11.84 4.26 -7.62
N SER B 328 11.39 4.53 -6.39
CA SER B 328 10.53 5.68 -6.09
C SER B 328 11.29 7.01 -6.11
N GLY B 329 12.62 6.94 -6.22
CA GLY B 329 13.46 8.13 -6.25
C GLY B 329 13.50 8.78 -7.62
N ARG B 330 14.71 9.15 -8.05
CA ARG B 330 14.91 9.78 -9.35
C ARG B 330 16.17 9.25 -10.04
N ARG B 335 20.33 1.10 -4.75
CA ARG B 335 20.00 0.16 -5.83
C ARG B 335 20.02 -1.30 -5.34
N GLN B 336 20.42 -1.50 -4.09
CA GLN B 336 20.33 -2.80 -3.45
C GLN B 336 19.13 -2.73 -2.51
N GLN B 337 19.00 -1.59 -1.85
CA GLN B 337 17.88 -1.28 -0.98
C GLN B 337 16.66 -1.01 -1.87
N GLU B 338 16.93 -0.31 -2.96
CA GLU B 338 15.95 0.03 -3.98
C GLU B 338 15.32 -1.22 -4.60
N VAL B 339 16.15 -2.23 -4.89
CA VAL B 339 15.68 -3.48 -5.50
C VAL B 339 14.88 -4.37 -4.52
N SER B 340 15.23 -4.31 -3.23
CA SER B 340 14.51 -5.05 -2.19
C SER B 340 13.08 -4.55 -2.04
N GLU B 341 12.91 -3.22 -2.08
CA GLU B 341 11.59 -2.57 -1.97
C GLU B 341 10.68 -2.92 -3.15
N ILE B 342 11.26 -2.97 -4.34
CA ILE B 342 10.53 -3.35 -5.55
C ILE B 342 10.07 -4.80 -5.42
N SER B 343 10.98 -5.66 -4.99
CA SER B 343 10.69 -7.08 -4.76
C SER B 343 9.52 -7.21 -3.78
N ARG B 344 9.66 -6.53 -2.64
CA ARG B 344 8.68 -6.50 -1.58
C ARG B 344 7.33 -5.97 -2.07
N SER B 345 7.39 -5.01 -2.98
CA SER B 345 6.20 -4.40 -3.57
C SER B 345 5.49 -5.32 -4.56
N LEU B 346 6.26 -6.06 -5.35
CA LEU B 346 5.69 -7.02 -6.30
C LEU B 346 4.94 -8.15 -5.59
N LYS B 347 5.44 -8.57 -4.43
CA LYS B 347 4.77 -9.58 -3.61
C LYS B 347 3.45 -9.03 -3.07
N ALA B 348 3.48 -7.76 -2.66
CA ALA B 348 2.27 -7.07 -2.20
C ALA B 348 1.27 -6.94 -3.34
N LEU B 349 1.79 -6.72 -4.56
CA LEU B 349 0.97 -6.66 -5.77
C LEU B 349 0.27 -7.99 -6.03
N ALA B 350 0.99 -9.08 -5.85
CA ALA B 350 0.44 -10.43 -6.02
C ALA B 350 -0.70 -10.71 -5.04
N ARG B 351 -0.47 -10.38 -3.76
CA ARG B 351 -1.47 -10.59 -2.71
C ARG B 351 -2.74 -9.78 -2.93
N GLU B 352 -2.56 -8.50 -3.29
CA GLU B 352 -3.68 -7.58 -3.51
C GLU B 352 -4.64 -8.07 -4.60
N LEU B 353 -4.10 -8.32 -5.79
CA LEU B 353 -4.89 -8.72 -6.94
C LEU B 353 -5.14 -10.23 -7.03
N GLU B 354 -4.70 -10.97 -6.01
CA GLU B 354 -4.85 -12.43 -5.93
C GLU B 354 -4.50 -13.07 -7.28
N VAL B 355 -3.27 -12.81 -7.70
CA VAL B 355 -2.78 -13.21 -9.01
C VAL B 355 -1.30 -13.58 -8.92
N PRO B 356 -0.88 -14.63 -9.66
CA PRO B 356 0.54 -14.94 -9.73
C PRO B 356 1.31 -13.86 -10.51
N VAL B 357 2.41 -13.38 -9.94
CA VAL B 357 3.23 -12.37 -10.59
C VAL B 357 4.56 -13.02 -11.01
N ILE B 358 4.82 -13.02 -12.30
CA ILE B 358 6.06 -13.59 -12.82
C ILE B 358 7.02 -12.46 -13.17
N ALA B 359 8.05 -12.31 -12.35
CA ALA B 359 9.06 -11.29 -12.55
C ALA B 359 10.37 -11.92 -12.99
N LEU B 360 10.80 -11.60 -14.21
CA LEU B 360 12.06 -12.08 -14.73
C LEU B 360 13.20 -11.36 -14.02
N SER B 361 14.30 -12.07 -13.80
CA SER B 361 15.47 -11.51 -13.15
C SER B 361 16.71 -11.96 -13.91
N GLN B 362 17.79 -11.20 -13.78
CA GLN B 362 19.03 -11.55 -14.46
C GLN B 362 20.06 -12.00 -13.44
N LEU B 363 20.83 -13.02 -13.79
CA LEU B 363 21.82 -13.60 -12.89
C LEU B 363 23.15 -12.89 -12.99
N SER B 364 23.87 -12.86 -11.86
CA SER B 364 25.22 -12.32 -11.81
C SER B 364 26.17 -13.26 -12.56
N ARG B 365 27.35 -12.76 -12.90
CA ARG B 365 28.32 -13.54 -13.68
C ARG B 365 29.07 -14.57 -12.84
N SER B 366 28.45 -15.00 -11.75
CA SER B 366 29.01 -16.00 -10.82
C SER B 366 28.85 -17.43 -11.32
N VAL B 367 27.78 -17.67 -12.08
CA VAL B 367 27.48 -19.00 -12.65
C VAL B 367 28.63 -19.45 -13.55
N GLU B 368 29.07 -18.51 -14.39
CA GLU B 368 30.19 -18.72 -15.31
C GLU B 368 31.49 -18.93 -14.52
N GLN B 369 31.55 -18.35 -13.32
CA GLN B 369 32.69 -18.56 -12.42
C GLN B 369 32.63 -19.98 -11.87
N ARG B 370 31.43 -20.49 -11.56
CA ARG B 370 31.32 -21.89 -11.13
C ARG B 370 31.88 -22.79 -12.23
N ARG B 374 25.83 -24.06 -13.67
CA ARG B 374 24.50 -24.30 -13.11
C ARG B 374 24.18 -23.31 -12.00
N PRO B 375 23.19 -22.43 -12.24
CA PRO B 375 22.81 -21.37 -11.29
C PRO B 375 22.21 -21.89 -9.99
N MET B 376 22.38 -21.10 -8.92
CA MET B 376 21.82 -21.40 -7.61
C MET B 376 21.36 -20.11 -6.91
N MET B 377 20.87 -20.23 -5.68
CA MET B 377 20.31 -19.09 -4.94
C MET B 377 21.27 -17.94 -4.67
N SER B 378 22.55 -18.26 -4.46
CA SER B 378 23.56 -17.24 -4.18
C SER B 378 23.79 -16.26 -5.34
N ASP B 379 23.40 -16.68 -6.55
CA ASP B 379 23.56 -15.85 -7.75
C ASP B 379 22.61 -14.66 -7.83
N ILE B 380 21.50 -14.75 -7.10
CA ILE B 380 20.56 -13.64 -6.98
C ILE B 380 20.61 -13.07 -5.57
N ARG B 381 21.37 -13.73 -4.69
CA ARG B 381 21.51 -13.30 -3.30
C ARG B 381 22.49 -12.14 -3.18
N GLU B 382 23.45 -12.08 -4.12
CA GLU B 382 24.39 -10.97 -4.19
C GLU B 382 23.63 -9.77 -4.78
N SER B 383 22.42 -10.04 -5.25
CA SER B 383 21.52 -9.04 -5.84
C SER B 383 20.13 -9.11 -5.21
N GLY B 384 20.08 -9.54 -3.94
CA GLY B 384 18.82 -9.72 -3.20
C GLY B 384 18.06 -8.44 -2.91
N SER B 385 17.12 -8.47 -1.96
CA SER B 385 16.78 -9.67 -1.18
C SER B 385 15.50 -10.32 -1.72
N ILE B 386 15.53 -10.61 -3.02
CA ILE B 386 14.41 -11.20 -3.75
C ILE B 386 14.14 -12.62 -3.27
N GLU B 387 15.16 -13.23 -2.66
CA GLU B 387 15.13 -14.59 -2.15
C GLU B 387 13.99 -14.89 -1.16
N GLN B 388 13.76 -13.98 -0.20
CA GLN B 388 12.68 -14.16 0.78
C GLN B 388 11.28 -13.85 0.25
N ASP B 389 11.14 -12.71 -0.43
CA ASP B 389 9.86 -12.26 -0.95
C ASP B 389 9.24 -13.24 -1.92
N ALA B 390 10.08 -13.89 -2.73
CA ALA B 390 9.61 -14.86 -3.70
C ALA B 390 9.27 -16.16 -3.01
N ASP B 391 8.04 -16.62 -3.20
CA ASP B 391 7.64 -17.92 -2.66
C ASP B 391 7.99 -19.03 -3.65
N ILE B 392 8.46 -18.63 -4.83
CA ILE B 392 8.93 -19.55 -5.86
C ILE B 392 9.98 -18.90 -6.79
N VAL B 393 11.18 -19.47 -6.78
CA VAL B 393 12.31 -18.97 -7.57
C VAL B 393 12.73 -20.04 -8.57
N ALA B 394 12.75 -19.67 -9.85
CA ALA B 394 13.12 -20.60 -10.92
C ALA B 394 14.32 -20.10 -11.72
N PHE B 395 15.24 -21.02 -12.00
CA PHE B 395 16.39 -20.71 -12.83
C PHE B 395 16.30 -21.44 -14.17
N LEU B 396 16.83 -20.81 -15.21
CA LEU B 396 16.90 -21.43 -16.52
C LEU B 396 18.36 -21.73 -16.85
N TYR B 397 18.68 -23.01 -16.98
CA TYR B 397 20.03 -23.44 -17.30
C TYR B 397 20.08 -24.20 -18.61
N ARG B 398 21.02 -23.82 -19.47
CA ARG B 398 21.20 -24.51 -20.73
C ARG B 398 22.50 -25.31 -20.74
N ASP B 399 22.32 -26.60 -20.44
CA ASP B 399 23.34 -27.64 -20.45
C ASP B 399 24.47 -27.48 -21.48
N ASP B 400 24.13 -26.92 -22.64
CA ASP B 400 25.04 -26.91 -23.79
C ASP B 400 25.44 -25.55 -24.41
N TYR B 401 25.43 -24.47 -23.64
CA TYR B 401 25.95 -23.19 -24.15
C TYR B 401 27.47 -23.11 -23.96
N LYS B 409 21.53 -31.35 -28.46
CA LYS B 409 20.63 -30.88 -27.40
C LYS B 409 20.28 -29.40 -27.53
N ASN B 410 19.11 -29.11 -28.10
CA ASN B 410 18.58 -27.75 -28.04
C ASN B 410 17.55 -27.73 -26.90
N ILE B 411 17.92 -28.39 -25.81
CA ILE B 411 17.11 -28.58 -24.63
C ILE B 411 17.53 -27.58 -23.54
N ILE B 412 16.58 -27.20 -22.70
CA ILE B 412 16.83 -26.22 -21.65
C ILE B 412 16.27 -26.74 -20.33
N GLU B 413 16.98 -26.47 -19.24
CA GLU B 413 16.56 -26.93 -17.92
C GLU B 413 15.92 -25.82 -17.09
N ILE B 414 14.82 -26.16 -16.44
CA ILE B 414 14.11 -25.22 -15.57
C ILE B 414 14.27 -25.71 -14.14
N ILE B 415 15.21 -25.08 -13.44
CA ILE B 415 15.53 -25.44 -12.06
C ILE B 415 14.64 -24.68 -11.09
N ILE B 416 13.74 -25.39 -10.42
CA ILE B 416 12.91 -24.77 -9.40
C ILE B 416 13.68 -24.91 -8.09
N ALA B 417 14.36 -23.83 -7.71
CA ALA B 417 15.20 -23.80 -6.53
C ALA B 417 14.39 -23.55 -5.25
N LYS B 418 13.29 -22.83 -5.37
CA LYS B 418 12.43 -22.54 -4.24
C LYS B 418 10.96 -22.68 -4.62
N GLN B 419 10.18 -23.29 -3.72
CA GLN B 419 8.74 -23.41 -3.83
C GLN B 419 8.17 -23.63 -2.44
N ARG B 420 7.38 -22.67 -1.95
CA ARG B 420 6.85 -22.73 -0.59
C ARG B 420 5.88 -23.88 -0.32
N ASN B 421 5.04 -24.20 -1.29
CA ASN B 421 4.10 -25.30 -1.17
C ASN B 421 4.28 -26.27 -2.34
N GLY B 422 5.23 -27.19 -2.19
CA GLY B 422 5.54 -28.15 -3.24
C GLY B 422 7.03 -28.44 -3.33
N PRO B 423 7.40 -29.43 -4.16
CA PRO B 423 8.76 -29.94 -4.30
C PRO B 423 9.78 -28.96 -4.91
N VAL B 424 11.03 -29.41 -4.95
CA VAL B 424 12.16 -28.67 -5.51
C VAL B 424 12.92 -29.62 -6.44
N GLY B 425 13.10 -29.20 -7.69
CA GLY B 425 13.79 -30.02 -8.70
C GLY B 425 13.92 -29.38 -10.06
N THR B 426 14.34 -30.17 -11.04
CA THR B 426 14.56 -29.69 -12.40
C THR B 426 13.52 -30.24 -13.40
N VAL B 427 12.76 -29.34 -14.01
CA VAL B 427 11.83 -29.69 -15.07
C VAL B 427 12.55 -29.38 -16.38
N GLN B 428 12.44 -30.27 -17.36
CA GLN B 428 13.18 -30.12 -18.60
C GLN B 428 12.28 -29.87 -19.81
N LEU B 429 12.64 -28.89 -20.63
CA LEU B 429 11.91 -28.52 -21.85
C LEU B 429 12.84 -28.30 -23.03
N ALA B 430 12.32 -28.48 -24.24
CA ALA B 430 13.10 -28.28 -25.48
C ALA B 430 12.82 -26.90 -26.08
N PHE B 431 13.90 -26.23 -26.50
CA PHE B 431 13.79 -24.91 -27.10
C PHE B 431 14.07 -24.95 -28.60
N ILE B 432 13.21 -24.27 -29.36
CA ILE B 432 13.37 -24.19 -30.81
C ILE B 432 13.71 -22.75 -31.20
N LYS B 433 14.97 -22.54 -31.60
CA LYS B 433 15.48 -21.22 -31.95
C LYS B 433 14.73 -20.54 -33.09
N GLU B 434 14.35 -21.33 -34.08
CA GLU B 434 13.69 -20.83 -35.30
C GLU B 434 12.32 -20.20 -35.05
N TYR B 435 11.60 -20.68 -34.04
CA TYR B 435 10.28 -20.16 -33.72
C TYR B 435 10.25 -19.44 -32.37
N ASN B 436 11.37 -19.49 -31.65
CA ASN B 436 11.50 -18.89 -30.31
C ASN B 436 10.48 -19.50 -29.33
N LYS B 437 10.39 -20.83 -29.35
CA LYS B 437 9.43 -21.58 -28.53
C LYS B 437 10.04 -22.60 -27.60
N PHE B 438 9.31 -22.85 -26.52
CA PHE B 438 9.61 -23.93 -25.59
C PHE B 438 8.50 -24.96 -25.74
N VAL B 439 8.88 -26.21 -25.98
CA VAL B 439 7.91 -27.28 -26.17
C VAL B 439 8.14 -28.34 -25.10
N ASN B 440 7.15 -29.22 -24.92
CA ASN B 440 7.25 -30.32 -23.96
C ASN B 440 8.31 -31.35 -24.32
N LEU B 441 8.31 -32.48 -23.61
CA LEU B 441 9.33 -33.50 -23.80
C LEU B 441 8.75 -34.90 -23.56
S SO4 C . 13.85 -15.34 13.19
O1 SO4 C . 14.15 -16.75 12.93
O2 SO4 C . 14.89 -14.76 14.03
O3 SO4 C . 13.78 -14.61 11.93
O4 SO4 C . 12.55 -15.26 13.87
S SO4 D . 17.38 -13.65 -22.19
O1 SO4 D . 17.72 -14.27 -23.48
O2 SO4 D . 17.99 -14.41 -21.10
O3 SO4 D . 17.88 -12.27 -22.17
O4 SO4 D . 15.93 -13.64 -22.05
#